data_5K87
#
_entry.id   5K87
#
_cell.length_a   51.825
_cell.length_b   103.393
_cell.length_c   78.088
_cell.angle_alpha   90.00
_cell.angle_beta   104.47
_cell.angle_gamma   90.00
#
_symmetry.space_group_name_H-M   'P 1 21 1'
#
loop_
_entity.id
_entity.type
_entity.pdbx_description
1 polymer '2-methyl-aconitate isomerase'
2 non-polymer 'MALONATE ION'
3 water water
#
_entity_poly.entity_id   1
_entity_poly.type   'polypeptide(L)'
_entity_poly.pdbx_seq_one_letter_code
;GASSNKLFPPQIKVAATYMRGGTSKGVFFRLQDLPEAAQVPGPARDALLLRVIGSPDPYAKQIDGMGGATSSTSETVILS
HSSKANHDVDYLFGQVSIDKPFVDWSGNCGNLTAAVGAFAISNGLIDAARIPRNGVCTVRIWQANIGKTIIAHVPITDGA
VQETGDFELDGVTFPAAEVQIEFMNPAADDDGEGGCMFPTGNLVDVLEVPGIGRFNATMINAGIPTIFINAEDLGYTGTE
LQDDINSDNAALAKFETIRAHGALRMGLIKHIDEAASRQHTPKIAFVAPPKSYASSSGKTVAAEDVDLLVRALSMGKLHH
AMMGTAAVAIGTAAAIPGTLVNLAAGGGEKEAVRFGHPSGTLRVGAQAVQENGEWTVIKAIMSRSARVLMEGFVRVPKP
;
_entity_poly.pdbx_strand_id   A,B
#
loop_
_chem_comp.id
_chem_comp.type
_chem_comp.name
_chem_comp.formula
MLI non-polymer 'MALONATE ION' 'C3 H2 O4 -2'
#
# COMPACT_ATOMS: atom_id res chain seq x y z
N LEU A 7 -15.80 -8.14 26.15
CA LEU A 7 -14.66 -8.44 27.00
C LEU A 7 -13.35 -8.36 26.22
N PHE A 8 -13.46 -8.14 24.92
CA PHE A 8 -12.32 -7.98 24.01
C PHE A 8 -11.30 -9.10 24.09
N PRO A 9 -11.66 -10.26 23.50
CA PRO A 9 -10.77 -11.41 23.45
C PRO A 9 -9.51 -11.10 22.65
N PRO A 10 -8.45 -11.87 22.85
CA PRO A 10 -7.27 -11.68 22.00
C PRO A 10 -7.57 -11.92 20.53
N GLN A 11 -6.73 -11.37 19.67
CA GLN A 11 -6.84 -11.64 18.25
C GLN A 11 -6.57 -13.11 17.99
N ILE A 12 -7.21 -13.65 16.97
CA ILE A 12 -6.88 -14.99 16.49
C ILE A 12 -5.70 -14.92 15.53
N LYS A 13 -5.00 -16.04 15.39
CA LYS A 13 -3.88 -16.18 14.48
C LYS A 13 -4.24 -17.19 13.40
N VAL A 14 -3.96 -16.85 12.15
CA VAL A 14 -4.21 -17.74 11.02
C VAL A 14 -2.92 -17.85 10.22
N ALA A 15 -2.45 -19.07 10.00
CA ALA A 15 -1.25 -19.28 9.20
C ALA A 15 -1.46 -18.73 7.79
N ALA A 16 -0.50 -17.95 7.30
CA ALA A 16 -0.61 -17.31 6.01
C ALA A 16 0.74 -16.94 5.46
N THR A 17 0.78 -16.71 4.15
CA THR A 17 1.99 -16.25 3.50
C THR A 17 1.65 -15.05 2.62
N TYR A 18 2.41 -13.98 2.76
CA TYR A 18 2.24 -12.78 1.97
C TYR A 18 3.26 -12.82 0.85
N MET A 19 2.79 -12.78 -0.40
CA MET A 19 3.64 -13.01 -1.56
C MET A 19 3.45 -11.94 -2.62
N ARG A 20 4.52 -11.66 -3.36
CA ARG A 20 4.38 -11.01 -4.65
C ARG A 20 4.24 -12.09 -5.73
N GLY A 21 3.24 -11.94 -6.61
CA GLY A 21 3.17 -12.73 -7.83
C GLY A 21 3.03 -11.75 -8.98
N GLY A 22 3.94 -11.79 -9.95
CA GLY A 22 3.93 -10.82 -11.01
C GLY A 22 3.96 -9.41 -10.42
N THR A 23 3.07 -8.54 -10.89
CA THR A 23 3.00 -7.17 -10.43
C THR A 23 1.94 -6.95 -9.35
N SER A 24 1.64 -7.98 -8.56
CA SER A 24 0.64 -7.91 -7.50
C SER A 24 1.14 -8.51 -6.20
N LYS A 25 0.48 -8.15 -5.09
CA LYS A 25 0.76 -8.75 -3.78
C LYS A 25 -0.54 -9.29 -3.21
N GLY A 26 -0.47 -10.44 -2.59
CA GLY A 26 -1.65 -11.02 -1.97
C GLY A 26 -1.32 -11.85 -0.75
N VAL A 27 -2.35 -12.11 0.05
CA VAL A 27 -2.25 -12.97 1.21
C VAL A 27 -2.79 -14.35 0.84
N PHE A 28 -1.95 -15.36 1.04
CA PHE A 28 -2.21 -16.74 0.65
C PHE A 28 -2.48 -17.63 1.85
N PHE A 29 -3.49 -18.47 1.74
CA PHE A 29 -3.86 -19.41 2.79
C PHE A 29 -4.03 -20.81 2.22
N ARG A 30 -3.58 -21.80 2.97
CA ARG A 30 -4.02 -23.17 2.76
C ARG A 30 -5.40 -23.29 3.37
N LEU A 31 -6.31 -23.96 2.67
N LEU A 31 -6.30 -23.95 2.66
CA LEU A 31 -7.67 -24.11 3.16
CA LEU A 31 -7.66 -24.13 3.14
C LEU A 31 -7.73 -24.71 4.56
C LEU A 31 -7.70 -24.69 4.57
N GLN A 32 -6.90 -25.71 4.83
CA GLN A 32 -6.92 -26.37 6.13
C GLN A 32 -6.41 -25.49 7.29
N ASP A 33 -5.74 -24.38 6.98
CA ASP A 33 -5.27 -23.46 8.00
C ASP A 33 -6.34 -22.45 8.43
N LEU A 34 -7.41 -22.36 7.66
CA LEU A 34 -8.46 -21.40 7.97
C LEU A 34 -9.30 -21.88 9.14
N PRO A 35 -9.88 -20.94 9.90
CA PRO A 35 -10.87 -21.35 10.92
C PRO A 35 -11.97 -22.20 10.28
N GLU A 36 -12.51 -23.14 11.03
CA GLU A 36 -13.49 -24.08 10.50
C GLU A 36 -14.60 -23.42 9.69
N ALA A 37 -15.19 -22.36 10.25
CA ALA A 37 -16.29 -21.66 9.59
C ALA A 37 -15.91 -21.10 8.23
N ALA A 38 -14.62 -20.78 8.06
CA ALA A 38 -14.13 -20.20 6.81
C ALA A 38 -13.66 -21.25 5.81
N GLN A 39 -13.80 -22.53 6.13
CA GLN A 39 -13.32 -23.56 5.22
C GLN A 39 -14.29 -23.89 4.09
N VAL A 40 -15.42 -23.19 4.06
CA VAL A 40 -16.32 -23.23 2.92
C VAL A 40 -16.59 -21.79 2.50
N PRO A 41 -16.98 -21.57 1.22
CA PRO A 41 -17.35 -20.21 0.82
C PRO A 41 -18.52 -19.74 1.66
N GLY A 42 -18.55 -18.45 1.96
CA GLY A 42 -19.62 -17.90 2.76
C GLY A 42 -19.19 -16.68 3.54
N PRO A 43 -20.12 -16.12 4.33
CA PRO A 43 -19.86 -14.87 5.07
C PRO A 43 -18.72 -14.97 6.08
N ALA A 44 -18.52 -16.12 6.72
CA ALA A 44 -17.42 -16.22 7.68
C ALA A 44 -16.08 -16.09 6.98
N ARG A 45 -15.92 -16.78 5.85
CA ARG A 45 -14.71 -16.63 5.05
C ARG A 45 -14.52 -15.18 4.61
N ASP A 46 -15.58 -14.58 4.07
CA ASP A 46 -15.47 -13.23 3.55
C ASP A 46 -15.12 -12.25 4.66
N ALA A 47 -15.74 -12.40 5.83
CA ALA A 47 -15.47 -11.51 6.94
C ALA A 47 -14.01 -11.61 7.40
N LEU A 48 -13.48 -12.83 7.43
CA LEU A 48 -12.09 -13.04 7.82
C LEU A 48 -11.16 -12.34 6.84
N LEU A 49 -11.39 -12.55 5.55
CA LEU A 49 -10.51 -12.00 4.53
C LEU A 49 -10.59 -10.48 4.51
N LEU A 50 -11.80 -9.94 4.66
CA LEU A 50 -11.95 -8.50 4.76
C LEU A 50 -11.11 -7.92 5.90
N ARG A 51 -11.16 -8.55 7.06
CA ARG A 51 -10.45 -8.04 8.21
CA ARG A 51 -10.45 -8.03 8.21
C ARG A 51 -8.94 -8.21 8.07
N VAL A 52 -8.52 -9.32 7.47
CA VAL A 52 -7.08 -9.50 7.22
C VAL A 52 -6.53 -8.36 6.35
N ILE A 53 -7.28 -8.02 5.31
CA ILE A 53 -6.86 -7.01 4.35
C ILE A 53 -7.02 -5.57 4.86
N GLY A 54 -8.00 -5.36 5.74
CA GLY A 54 -8.24 -4.05 6.33
C GLY A 54 -9.45 -3.32 5.74
N SER A 55 -10.40 -4.09 5.24
CA SER A 55 -11.61 -3.58 4.59
C SER A 55 -12.86 -3.94 5.39
N PRO A 56 -13.97 -3.22 5.16
CA PRO A 56 -14.08 -2.02 4.34
C PRO A 56 -13.43 -0.84 5.04
N ASP A 57 -12.82 0.04 4.26
CA ASP A 57 -12.08 1.15 4.84
C ASP A 57 -12.53 2.48 4.23
N PRO A 58 -13.30 3.28 4.98
CA PRO A 58 -13.73 4.57 4.46
C PRO A 58 -12.58 5.52 4.20
N TYR A 59 -11.42 5.28 4.82
CA TYR A 59 -10.26 6.14 4.58
C TYR A 59 -9.54 5.79 3.27
N ALA A 60 -9.85 4.61 2.72
CA ALA A 60 -9.22 4.12 1.49
C ALA A 60 -7.69 4.02 1.58
N LYS A 61 -7.18 3.62 2.75
CA LYS A 61 -5.75 3.48 2.97
CA LYS A 61 -5.75 3.48 2.97
C LYS A 61 -5.30 2.09 3.40
N GLN A 62 -6.24 1.29 3.92
CA GLN A 62 -5.93 -0.06 4.46
C GLN A 62 -4.76 -0.07 5.43
N ILE A 63 -4.71 0.94 6.30
CA ILE A 63 -3.68 1.05 7.32
C ILE A 63 -3.91 0.06 8.45
N ASP A 64 -5.11 -0.50 8.52
CA ASP A 64 -5.44 -1.46 9.58
C ASP A 64 -5.57 -2.88 9.04
N GLY A 65 -4.76 -3.22 8.04
CA GLY A 65 -4.69 -4.58 7.55
C GLY A 65 -3.54 -4.76 6.59
N MET A 66 -3.55 -5.90 5.90
CA MET A 66 -2.46 -6.25 5.00
C MET A 66 -2.56 -5.63 3.62
N GLY A 67 -3.70 -5.02 3.28
CA GLY A 67 -3.86 -4.47 1.96
C GLY A 67 -3.03 -3.23 1.74
N GLY A 68 -2.81 -2.88 0.47
CA GLY A 68 -2.03 -1.72 0.11
C GLY A 68 -2.85 -0.64 -0.55
N ALA A 69 -4.18 -0.73 -0.42
CA ALA A 69 -5.09 0.31 -0.89
C ALA A 69 -5.11 0.50 -2.40
N THR A 70 -4.79 -0.56 -3.14
CA THR A 70 -4.96 -0.59 -4.58
C THR A 70 -5.52 -1.96 -4.93
N SER A 71 -6.14 -2.07 -6.11
CA SER A 71 -6.72 -3.35 -6.50
C SER A 71 -5.65 -4.45 -6.57
N SER A 72 -4.44 -4.07 -6.97
CA SER A 72 -3.39 -5.08 -7.13
CA SER A 72 -3.32 -5.00 -7.15
C SER A 72 -2.71 -5.45 -5.82
N THR A 73 -3.13 -4.81 -4.73
CA THR A 73 -2.64 -5.13 -3.39
C THR A 73 -3.76 -5.34 -2.39
N SER A 74 -4.97 -5.67 -2.87
CA SER A 74 -6.09 -5.96 -1.99
C SER A 74 -6.65 -7.31 -2.42
N GLU A 75 -5.84 -8.34 -2.21
CA GLU A 75 -5.97 -9.63 -2.88
C GLU A 75 -5.74 -10.77 -1.90
N THR A 76 -6.58 -11.79 -2.00
CA THR A 76 -6.47 -12.99 -1.19
C THR A 76 -6.57 -14.24 -2.05
N VAL A 77 -5.93 -15.30 -1.58
CA VAL A 77 -5.88 -16.56 -2.30
C VAL A 77 -6.06 -17.71 -1.32
N ILE A 78 -6.93 -18.66 -1.66
CA ILE A 78 -7.09 -19.88 -0.88
C ILE A 78 -6.77 -21.07 -1.77
N LEU A 79 -5.83 -21.89 -1.32
CA LEU A 79 -5.39 -23.06 -2.08
C LEU A 79 -5.68 -24.34 -1.31
N SER A 80 -5.96 -25.40 -2.04
CA SER A 80 -6.27 -26.70 -1.44
C SER A 80 -5.88 -27.80 -2.41
N HIS A 81 -5.81 -29.03 -1.90
CA HIS A 81 -5.65 -30.21 -2.75
C HIS A 81 -6.80 -30.28 -3.75
N SER A 82 -6.48 -30.67 -4.97
CA SER A 82 -7.51 -30.80 -5.99
C SER A 82 -8.13 -32.19 -6.03
N SER A 83 -9.41 -32.25 -6.34
CA SER A 83 -10.10 -33.50 -6.64
C SER A 83 -10.39 -33.63 -8.14
N LYS A 84 -9.84 -32.73 -8.93
CA LYS A 84 -10.03 -32.77 -10.37
C LYS A 84 -8.99 -33.66 -11.01
N ALA A 85 -9.40 -34.50 -11.96
CA ALA A 85 -8.45 -35.31 -12.70
C ALA A 85 -7.38 -34.44 -13.35
N ASN A 86 -6.13 -34.87 -13.20
CA ASN A 86 -4.99 -34.24 -13.86
C ASN A 86 -4.73 -32.81 -13.39
N HIS A 87 -5.13 -32.51 -12.16
CA HIS A 87 -4.77 -31.25 -11.52
C HIS A 87 -4.17 -31.51 -10.16
N ASP A 88 -3.31 -30.60 -9.73
CA ASP A 88 -2.63 -30.73 -8.45
C ASP A 88 -3.26 -29.91 -7.33
N VAL A 89 -3.68 -28.70 -7.64
CA VAL A 89 -4.08 -27.77 -6.61
C VAL A 89 -5.29 -26.99 -7.10
N ASP A 90 -6.24 -26.72 -6.20
CA ASP A 90 -7.37 -25.84 -6.49
C ASP A 90 -7.06 -24.43 -5.99
N TYR A 91 -7.41 -23.45 -6.81
CA TYR A 91 -7.05 -22.05 -6.58
C TYR A 91 -8.31 -21.18 -6.59
N LEU A 92 -8.60 -20.54 -5.46
CA LEU A 92 -9.62 -19.50 -5.38
C LEU A 92 -8.99 -18.14 -5.16
N PHE A 93 -9.37 -17.18 -5.96
CA PHE A 93 -8.94 -15.80 -5.83
C PHE A 93 -10.08 -14.93 -5.34
N GLY A 94 -9.82 -14.17 -4.28
CA GLY A 94 -10.79 -13.22 -3.76
C GLY A 94 -10.30 -11.79 -3.90
N GLN A 95 -11.00 -11.01 -4.71
CA GLN A 95 -10.70 -9.60 -4.89
C GLN A 95 -11.42 -8.85 -3.77
N VAL A 96 -10.66 -8.27 -2.86
CA VAL A 96 -11.23 -7.66 -1.67
C VAL A 96 -11.52 -6.19 -1.94
N SER A 97 -12.78 -5.80 -1.86
CA SER A 97 -13.15 -4.40 -2.06
CA SER A 97 -13.15 -4.40 -2.07
C SER A 97 -12.46 -3.53 -1.02
N ILE A 98 -12.00 -2.35 -1.43
CA ILE A 98 -11.42 -1.42 -0.48
C ILE A 98 -12.51 -0.72 0.33
N ASP A 99 -13.60 -0.36 -0.34
CA ASP A 99 -14.62 0.52 0.24
C ASP A 99 -15.88 -0.19 0.75
N LYS A 100 -16.12 -1.41 0.28
CA LYS A 100 -17.36 -2.12 0.65
C LYS A 100 -17.02 -3.43 1.35
N PRO A 101 -17.94 -3.94 2.20
CA PRO A 101 -17.67 -5.21 2.87
C PRO A 101 -17.99 -6.37 1.93
N PHE A 102 -17.15 -6.50 0.90
CA PHE A 102 -17.43 -7.41 -0.20
C PHE A 102 -16.15 -8.04 -0.72
N VAL A 103 -16.18 -9.34 -0.91
CA VAL A 103 -15.07 -10.03 -1.58
C VAL A 103 -15.64 -10.64 -2.86
N ASP A 104 -15.02 -10.33 -3.99
CA ASP A 104 -15.51 -10.80 -5.28
C ASP A 104 -14.78 -12.06 -5.72
N TRP A 105 -15.54 -13.11 -5.98
CA TRP A 105 -15.01 -14.42 -6.35
C TRP A 105 -15.30 -14.77 -7.81
N SER A 106 -15.64 -13.77 -8.63
CA SER A 106 -16.05 -14.03 -10.01
C SER A 106 -14.91 -14.19 -11.01
N GLY A 107 -13.67 -13.93 -10.60
CA GLY A 107 -12.57 -13.95 -11.55
C GLY A 107 -11.30 -14.59 -11.04
N ASN A 108 -10.37 -14.79 -11.96
CA ASN A 108 -9.02 -15.22 -11.64
C ASN A 108 -8.13 -14.02 -11.38
N CYS A 109 -6.95 -14.28 -10.82
CA CYS A 109 -5.87 -13.30 -10.82
C CYS A 109 -4.69 -13.92 -11.54
N GLY A 110 -4.32 -13.35 -12.68
CA GLY A 110 -3.26 -13.89 -13.49
C GLY A 110 -1.88 -13.66 -12.91
N ASN A 111 -1.64 -12.49 -12.35
CA ASN A 111 -0.34 -12.18 -11.78
C ASN A 111 0.02 -13.11 -10.63
N LEU A 112 -0.96 -13.48 -9.82
CA LEU A 112 -0.68 -14.32 -8.67
C LEU A 112 -0.51 -15.80 -9.03
N THR A 113 -0.76 -16.17 -10.29
CA THR A 113 -0.66 -17.58 -10.68
CA THR A 113 -0.67 -17.57 -10.68
C THR A 113 0.73 -18.18 -10.42
N ALA A 114 1.79 -17.45 -10.70
CA ALA A 114 3.13 -17.95 -10.41
C ALA A 114 3.32 -18.20 -8.90
N ALA A 115 2.78 -17.30 -8.09
CA ALA A 115 2.84 -17.46 -6.64
C ALA A 115 1.99 -18.64 -6.17
N VAL A 116 0.88 -18.91 -6.83
CA VAL A 116 0.07 -20.07 -6.53
C VAL A 116 0.88 -21.35 -6.71
N GLY A 117 1.62 -21.44 -7.82
CA GLY A 117 2.43 -22.61 -8.08
C GLY A 117 3.48 -22.81 -7.00
N ALA A 118 4.19 -21.73 -6.68
CA ALA A 118 5.21 -21.77 -5.64
C ALA A 118 4.64 -22.14 -4.27
N PHE A 119 3.52 -21.51 -3.92
CA PHE A 119 2.90 -21.75 -2.62
C PHE A 119 2.50 -23.22 -2.49
N ALA A 120 1.91 -23.76 -3.54
CA ALA A 120 1.44 -25.14 -3.50
C ALA A 120 2.60 -26.10 -3.27
N ILE A 121 3.71 -25.90 -3.98
CA ILE A 121 4.90 -26.72 -3.79
C ILE A 121 5.43 -26.60 -2.36
N SER A 122 5.53 -25.38 -1.88
CA SER A 122 6.13 -25.11 -0.58
C SER A 122 5.27 -25.56 0.59
N ASN A 123 3.99 -25.81 0.36
CA ASN A 123 3.05 -26.05 1.45
C ASN A 123 2.33 -27.38 1.38
N GLY A 124 2.94 -28.34 0.69
CA GLY A 124 2.46 -29.71 0.75
C GLY A 124 1.20 -30.00 -0.04
N LEU A 125 0.91 -29.19 -1.05
CA LEU A 125 -0.31 -29.38 -1.83
C LEU A 125 -0.06 -30.12 -3.14
N ILE A 126 1.20 -30.45 -3.41
CA ILE A 126 1.58 -31.13 -4.64
C ILE A 126 2.15 -32.52 -4.33
N ASP A 127 1.60 -33.54 -4.98
CA ASP A 127 2.10 -34.92 -4.91
C ASP A 127 3.61 -34.91 -4.99
N ALA A 128 4.27 -35.43 -3.95
CA ALA A 128 5.74 -35.43 -3.89
C ALA A 128 6.39 -36.08 -5.10
N ALA A 129 5.71 -37.05 -5.70
CA ALA A 129 6.24 -37.71 -6.89
C ALA A 129 6.44 -36.74 -8.06
N ARG A 130 5.73 -35.62 -8.04
CA ARG A 130 5.80 -34.63 -9.12
C ARG A 130 6.80 -33.50 -8.87
N ILE A 131 7.43 -33.51 -7.71
CA ILE A 131 8.42 -32.49 -7.40
C ILE A 131 9.80 -33.12 -7.49
N PRO A 132 10.62 -32.68 -8.45
CA PRO A 132 11.97 -33.22 -8.54
C PRO A 132 12.85 -32.61 -7.47
N ARG A 133 14.01 -33.21 -7.24
CA ARG A 133 14.98 -32.63 -6.33
C ARG A 133 15.52 -31.33 -6.93
N ASN A 134 15.69 -31.33 -8.24
CA ASN A 134 16.14 -30.15 -8.99
C ASN A 134 15.49 -30.15 -10.36
N GLY A 135 15.22 -28.97 -10.89
CA GLY A 135 14.68 -28.89 -12.23
C GLY A 135 13.46 -28.00 -12.27
N VAL A 136 12.39 -28.52 -12.87
CA VAL A 136 11.16 -27.75 -13.03
C VAL A 136 10.00 -28.60 -12.58
N CYS A 137 9.18 -28.05 -11.68
CA CYS A 137 7.94 -28.69 -11.26
C CYS A 137 6.78 -28.05 -12.01
N THR A 138 6.11 -28.84 -12.83
CA THR A 138 4.96 -28.36 -13.58
C THR A 138 3.69 -28.51 -12.74
N VAL A 139 3.21 -27.40 -12.23
CA VAL A 139 2.04 -27.40 -11.34
C VAL A 139 0.79 -27.20 -12.17
N ARG A 140 -0.13 -28.15 -12.08
CA ARG A 140 -1.38 -28.10 -12.82
C ARG A 140 -2.45 -27.52 -11.90
N ILE A 141 -2.83 -26.27 -12.17
CA ILE A 141 -3.72 -25.53 -11.29
C ILE A 141 -5.14 -25.57 -11.82
N TRP A 142 -6.08 -25.95 -10.96
CA TRP A 142 -7.49 -25.81 -11.27
C TRP A 142 -7.94 -24.45 -10.74
N GLN A 143 -8.22 -23.54 -11.65
CA GLN A 143 -8.72 -22.22 -11.30
C GLN A 143 -10.19 -22.38 -10.99
N ALA A 144 -10.53 -22.37 -9.71
CA ALA A 144 -11.86 -22.72 -9.27
C ALA A 144 -12.87 -21.57 -9.35
N ASN A 145 -12.41 -20.34 -9.51
CA ASN A 145 -13.35 -19.24 -9.75
C ASN A 145 -14.01 -19.37 -11.11
N ILE A 146 -13.24 -19.75 -12.12
CA ILE A 146 -13.69 -19.71 -13.51
C ILE A 146 -13.71 -21.09 -14.18
N GLY A 147 -13.25 -22.12 -13.49
CA GLY A 147 -13.29 -23.47 -14.03
C GLY A 147 -12.36 -23.68 -15.22
N LYS A 148 -11.10 -23.31 -15.05
CA LYS A 148 -10.10 -23.40 -16.13
C LYS A 148 -8.79 -23.98 -15.61
N THR A 149 -8.03 -24.62 -16.49
CA THR A 149 -6.71 -25.13 -16.15
C THR A 149 -5.64 -24.07 -16.43
N ILE A 150 -4.74 -23.88 -15.46
CA ILE A 150 -3.58 -23.03 -15.67
C ILE A 150 -2.35 -23.80 -15.23
N ILE A 151 -1.27 -23.72 -15.99
CA ILE A 151 -0.04 -24.43 -15.66
C ILE A 151 1.03 -23.44 -15.20
N ALA A 152 1.74 -23.76 -14.13
CA ALA A 152 2.88 -22.96 -13.71
C ALA A 152 4.12 -23.83 -13.67
N HIS A 153 5.15 -23.45 -14.43
CA HIS A 153 6.41 -24.18 -14.46
C HIS A 153 7.34 -23.55 -13.44
N VAL A 154 7.39 -24.14 -12.25
CA VAL A 154 8.12 -23.55 -11.15
C VAL A 154 9.49 -24.19 -11.00
N PRO A 155 10.56 -23.38 -11.00
CA PRO A 155 11.89 -23.96 -10.86
C PRO A 155 12.15 -24.45 -9.43
N ILE A 156 12.87 -25.56 -9.34
CA ILE A 156 13.17 -26.23 -8.07
C ILE A 156 14.69 -26.37 -7.89
N THR A 157 15.17 -26.05 -6.69
CA THR A 157 16.57 -26.27 -6.32
C THR A 157 16.60 -26.90 -4.94
N ASP A 158 17.28 -28.04 -4.81
CA ASP A 158 17.42 -28.73 -3.52
C ASP A 158 16.06 -29.00 -2.89
N GLY A 159 15.12 -29.44 -3.71
CA GLY A 159 13.79 -29.82 -3.25
C GLY A 159 12.90 -28.67 -2.81
N ALA A 160 13.31 -27.42 -3.04
CA ALA A 160 12.50 -26.28 -2.64
C ALA A 160 12.35 -25.35 -3.84
N VAL A 161 11.33 -24.50 -3.80
CA VAL A 161 11.14 -23.51 -4.85
C VAL A 161 12.40 -22.65 -4.99
N GLN A 162 12.84 -22.47 -6.22
CA GLN A 162 13.87 -21.52 -6.53
C GLN A 162 13.19 -20.18 -6.77
N GLU A 163 13.27 -19.27 -5.80
CA GLU A 163 12.58 -17.99 -5.87
C GLU A 163 13.41 -16.93 -6.58
N THR A 164 14.70 -16.92 -6.26
CA THR A 164 15.60 -15.86 -6.71
C THR A 164 16.15 -16.16 -8.10
N GLY A 165 16.59 -15.12 -8.80
CA GLY A 165 17.04 -15.29 -10.17
C GLY A 165 17.28 -13.96 -10.84
N ASP A 166 17.49 -13.98 -12.15
CA ASP A 166 17.83 -12.76 -12.88
C ASP A 166 16.78 -12.33 -13.89
N PHE A 167 15.58 -12.91 -13.79
CA PHE A 167 14.50 -12.58 -14.72
C PHE A 167 13.78 -11.31 -14.30
N GLU A 168 13.66 -10.36 -15.22
CA GLU A 168 13.02 -9.08 -14.92
C GLU A 168 11.67 -8.96 -15.61
N LEU A 169 10.71 -8.37 -14.89
CA LEU A 169 9.39 -8.05 -15.41
C LEU A 169 9.22 -6.56 -15.27
N ASP A 170 8.70 -5.88 -16.30
CA ASP A 170 8.38 -4.48 -16.17
C ASP A 170 7.23 -4.32 -15.18
N GLY A 171 7.45 -3.48 -14.17
CA GLY A 171 6.53 -3.34 -13.07
C GLY A 171 6.98 -4.07 -11.81
N VAL A 172 8.03 -4.88 -11.93
CA VAL A 172 8.60 -5.55 -10.76
C VAL A 172 10.00 -5.03 -10.55
N THR A 173 10.17 -4.46 -9.38
CA THR A 173 11.33 -3.68 -9.04
C THR A 173 12.63 -4.48 -9.18
N PHE A 174 12.63 -5.71 -8.69
CA PHE A 174 13.85 -6.50 -8.57
C PHE A 174 13.71 -7.82 -9.34
N PRO A 175 14.82 -8.37 -9.84
CA PRO A 175 14.75 -9.63 -10.60
C PRO A 175 14.46 -10.82 -9.69
N ALA A 176 13.94 -11.89 -10.28
CA ALA A 176 13.67 -13.13 -9.56
C ALA A 176 13.70 -14.28 -10.57
N ALA A 177 13.40 -15.49 -10.12
CA ALA A 177 13.37 -16.62 -11.04
C ALA A 177 12.18 -16.52 -12.00
N GLU A 178 12.41 -16.82 -13.26
CA GLU A 178 11.32 -16.85 -14.25
C GLU A 178 10.36 -18.00 -13.98
N VAL A 179 9.06 -17.71 -13.96
CA VAL A 179 8.04 -18.73 -13.87
C VAL A 179 7.13 -18.61 -15.07
N GLN A 180 7.23 -19.56 -15.98
CA GLN A 180 6.38 -19.60 -17.17
CA GLN A 180 6.38 -19.57 -17.16
C GLN A 180 5.00 -20.10 -16.81
N ILE A 181 3.98 -19.38 -17.27
N ILE A 181 3.97 -19.38 -17.25
CA ILE A 181 2.58 -19.71 -17.01
CA ILE A 181 2.60 -19.81 -16.96
C ILE A 181 1.86 -20.02 -18.31
C ILE A 181 1.81 -19.98 -18.25
N GLU A 182 0.92 -20.96 -18.26
CA GLU A 182 0.14 -21.29 -19.46
C GLU A 182 -1.34 -21.42 -19.11
N PHE A 183 -2.15 -20.56 -19.72
CA PHE A 183 -3.58 -20.54 -19.51
C PHE A 183 -4.19 -21.41 -20.59
N MET A 184 -4.61 -22.62 -20.24
CA MET A 184 -5.14 -23.57 -21.22
C MET A 184 -6.57 -23.22 -21.60
N ASN A 185 -6.88 -23.36 -22.89
CA ASN A 185 -8.24 -23.20 -23.39
C ASN A 185 -8.97 -21.99 -22.78
N PRO A 186 -8.38 -20.79 -22.93
CA PRO A 186 -8.88 -19.64 -22.16
C PRO A 186 -10.26 -19.13 -22.55
N ALA A 187 -10.74 -19.39 -23.76
CA ALA A 187 -12.08 -18.91 -24.14
C ALA A 187 -13.15 -19.49 -23.21
N ALA A 188 -14.06 -18.64 -22.73
CA ALA A 188 -15.13 -19.11 -21.87
C ALA A 188 -16.05 -20.06 -22.62
N ASP A 189 -16.72 -20.96 -21.89
CA ASP A 189 -17.65 -21.91 -22.50
C ASP A 189 -18.97 -21.25 -22.87
N GLY A 194 -22.84 -14.65 -20.73
CA GLY A 194 -21.74 -13.87 -21.26
C GLY A 194 -20.59 -14.74 -21.70
N GLY A 195 -20.89 -16.02 -21.93
CA GLY A 195 -19.89 -17.00 -22.33
C GLY A 195 -19.52 -16.92 -23.79
N CYS A 196 -18.82 -17.94 -24.27
CA CYS A 196 -18.19 -17.96 -25.60
C CYS A 196 -17.03 -16.97 -25.67
N MET A 197 -16.17 -17.16 -26.66
CA MET A 197 -15.05 -16.24 -26.81
C MET A 197 -15.58 -14.84 -27.12
N PHE A 198 -16.52 -14.75 -28.05
CA PHE A 198 -17.15 -13.49 -28.40
C PHE A 198 -18.64 -13.55 -28.11
N PRO A 199 -19.06 -13.14 -26.91
CA PRO A 199 -20.46 -13.29 -26.49
C PRO A 199 -21.47 -12.63 -27.43
N THR A 200 -21.10 -11.56 -28.12
CA THR A 200 -22.00 -10.93 -29.08
C THR A 200 -22.00 -11.65 -30.44
N GLY A 201 -21.04 -12.55 -30.62
CA GLY A 201 -20.89 -13.25 -31.89
C GLY A 201 -20.12 -12.46 -32.93
N ASN A 202 -19.69 -11.25 -32.56
CA ASN A 202 -18.97 -10.36 -33.47
C ASN A 202 -17.56 -10.07 -32.96
N LEU A 203 -16.63 -9.93 -33.90
CA LEU A 203 -15.25 -9.58 -33.57
C LEU A 203 -15.17 -8.13 -33.09
N VAL A 204 -15.97 -7.28 -33.71
N VAL A 204 -15.99 -7.28 -33.70
CA VAL A 204 -16.08 -5.88 -33.31
CA VAL A 204 -16.08 -5.87 -33.34
C VAL A 204 -17.57 -5.53 -33.24
C VAL A 204 -17.54 -5.45 -33.31
N ASP A 205 -17.90 -4.61 -32.35
CA ASP A 205 -19.26 -4.14 -32.21
C ASP A 205 -19.24 -2.64 -32.12
N VAL A 206 -20.41 -2.04 -32.29
CA VAL A 206 -20.55 -0.62 -31.99
C VAL A 206 -21.28 -0.53 -30.67
N LEU A 207 -20.60 -0.03 -29.65
N LEU A 207 -20.60 -0.02 -29.66
CA LEU A 207 -21.17 0.10 -28.33
CA LEU A 207 -21.18 0.09 -28.33
C LEU A 207 -21.90 1.44 -28.21
C LEU A 207 -21.90 1.44 -28.20
N GLU A 208 -23.23 1.39 -28.16
CA GLU A 208 -24.03 2.60 -28.06
C GLU A 208 -24.25 2.99 -26.61
N VAL A 209 -23.70 4.15 -26.23
CA VAL A 209 -23.84 4.67 -24.88
C VAL A 209 -24.53 6.02 -24.98
N PRO A 210 -25.87 6.03 -25.00
CA PRO A 210 -26.68 7.20 -25.33
C PRO A 210 -26.34 8.43 -24.50
N GLY A 211 -25.98 9.51 -25.18
CA GLY A 211 -25.65 10.75 -24.53
C GLY A 211 -24.18 10.86 -24.14
N ILE A 212 -23.45 9.75 -24.31
CA ILE A 212 -22.04 9.71 -23.98
C ILE A 212 -21.19 9.53 -25.24
N GLY A 213 -21.55 8.55 -26.05
CA GLY A 213 -20.86 8.32 -27.31
C GLY A 213 -21.19 6.98 -27.96
N ARG A 214 -20.61 6.78 -29.14
CA ARG A 214 -20.64 5.49 -29.81
C ARG A 214 -19.20 5.04 -29.88
N PHE A 215 -18.95 3.80 -29.46
CA PHE A 215 -17.57 3.30 -29.37
C PHE A 215 -17.45 1.94 -30.06
N ASN A 216 -16.57 1.85 -31.05
CA ASN A 216 -16.21 0.53 -31.56
C ASN A 216 -15.55 -0.24 -30.43
N ALA A 217 -15.92 -1.49 -30.29
CA ALA A 217 -15.41 -2.30 -29.19
C ALA A 217 -15.27 -3.74 -29.59
N THR A 218 -14.25 -4.39 -29.04
CA THR A 218 -14.19 -5.84 -29.07
C THR A 218 -14.47 -6.34 -27.67
N MET A 219 -15.47 -7.21 -27.56
CA MET A 219 -15.84 -7.80 -26.28
C MET A 219 -15.49 -9.27 -26.34
N ILE A 220 -14.54 -9.67 -25.51
CA ILE A 220 -14.01 -11.01 -25.53
C ILE A 220 -14.03 -11.63 -24.14
N ASN A 221 -14.29 -12.92 -24.07
CA ASN A 221 -14.26 -13.61 -22.80
C ASN A 221 -13.17 -14.68 -22.87
N ALA A 222 -11.95 -14.26 -22.52
CA ALA A 222 -10.78 -15.13 -22.48
C ALA A 222 -9.83 -14.55 -21.44
N GLY A 223 -9.48 -15.35 -20.43
CA GLY A 223 -8.73 -14.84 -19.30
C GLY A 223 -9.67 -14.20 -18.27
N ILE A 224 -10.40 -13.19 -18.73
CA ILE A 224 -11.44 -12.51 -17.95
C ILE A 224 -12.29 -11.81 -19.00
N PRO A 225 -13.60 -11.62 -18.74
CA PRO A 225 -14.37 -10.88 -19.75
C PRO A 225 -13.84 -9.44 -19.85
N THR A 226 -13.58 -9.00 -21.07
CA THR A 226 -12.90 -7.72 -21.29
C THR A 226 -13.53 -6.98 -22.47
N ILE A 227 -13.71 -5.67 -22.28
CA ILE A 227 -14.17 -4.77 -23.32
C ILE A 227 -12.97 -3.96 -23.76
N PHE A 228 -12.60 -4.06 -25.04
CA PHE A 228 -11.54 -3.25 -25.61
C PHE A 228 -12.11 -2.16 -26.52
N ILE A 229 -11.65 -0.93 -26.31
N ILE A 229 -11.69 -0.93 -26.31
CA ILE A 229 -12.07 0.24 -27.08
CA ILE A 229 -12.10 0.16 -27.19
C ILE A 229 -10.84 0.94 -27.66
C ILE A 229 -10.85 0.87 -27.70
N ASN A 230 -10.98 1.61 -28.79
CA ASN A 230 -9.85 2.35 -29.33
C ASN A 230 -9.58 3.60 -28.52
N ALA A 231 -8.31 3.79 -28.15
CA ALA A 231 -7.90 4.96 -27.38
C ALA A 231 -8.41 6.27 -28.00
N GLU A 232 -8.30 6.38 -29.32
CA GLU A 232 -8.63 7.64 -29.99
C GLU A 232 -10.11 7.99 -29.86
N ASP A 233 -10.97 6.99 -29.74
CA ASP A 233 -12.40 7.23 -29.56
C ASP A 233 -12.72 7.87 -28.21
N LEU A 234 -11.75 7.84 -27.31
CA LEU A 234 -11.87 8.45 -25.99
C LEU A 234 -11.03 9.71 -25.87
N GLY A 235 -10.35 10.09 -26.95
CA GLY A 235 -9.45 11.23 -26.93
C GLY A 235 -8.11 10.93 -26.27
N TYR A 236 -7.79 9.64 -26.13
CA TYR A 236 -6.51 9.21 -25.58
C TYR A 236 -5.57 8.75 -26.69
N THR A 237 -4.29 8.59 -26.37
CA THR A 237 -3.32 8.12 -27.34
C THR A 237 -2.86 6.70 -27.06
N GLY A 238 -3.11 6.21 -25.85
CA GLY A 238 -2.62 4.91 -25.45
C GLY A 238 -1.33 4.97 -24.64
N THR A 239 -0.74 6.16 -24.54
CA THR A 239 0.51 6.31 -23.77
C THR A 239 0.27 6.82 -22.35
N GLU A 240 -0.99 6.97 -21.98
CA GLU A 240 -1.35 7.56 -20.69
C GLU A 240 -0.78 6.78 -19.52
N LEU A 241 -0.42 7.52 -18.47
CA LEU A 241 0.01 6.95 -17.19
C LEU A 241 -1.09 7.16 -16.15
N GLN A 242 -0.94 6.57 -14.97
CA GLN A 242 -2.00 6.65 -13.98
C GLN A 242 -2.41 8.08 -13.65
N ASP A 243 -1.43 8.99 -13.56
CA ASP A 243 -1.73 10.37 -13.18
C ASP A 243 -2.55 11.12 -14.23
N ASP A 244 -2.61 10.59 -15.44
CA ASP A 244 -3.41 11.20 -16.51
C ASP A 244 -4.88 10.87 -16.36
N ILE A 245 -5.20 9.82 -15.60
CA ILE A 245 -6.58 9.33 -15.53
C ILE A 245 -7.12 9.24 -14.10
N ASN A 246 -6.28 8.84 -13.15
CA ASN A 246 -6.80 8.45 -11.85
C ASN A 246 -7.21 9.60 -10.93
N SER A 247 -6.86 10.82 -11.31
CA SER A 247 -7.32 12.00 -10.60
C SER A 247 -8.43 12.71 -11.37
N ASP A 248 -8.83 12.13 -12.50
CA ASP A 248 -9.82 12.71 -13.40
C ASP A 248 -11.15 12.02 -13.19
N ASN A 249 -11.95 12.57 -12.28
CA ASN A 249 -13.21 11.94 -11.92
C ASN A 249 -14.18 11.80 -13.09
N ALA A 250 -14.14 12.76 -14.01
CA ALA A 250 -14.98 12.73 -15.20
C ALA A 250 -14.62 11.51 -16.07
N ALA A 251 -13.32 11.31 -16.26
CA ALA A 251 -12.85 10.19 -17.07
C ALA A 251 -13.22 8.85 -16.42
N LEU A 252 -13.03 8.75 -15.10
CA LEU A 252 -13.36 7.52 -14.40
C LEU A 252 -14.85 7.20 -14.50
N ALA A 253 -15.70 8.22 -14.38
CA ALA A 253 -17.14 8.02 -14.50
C ALA A 253 -17.53 7.58 -15.91
N LYS A 254 -16.86 8.16 -16.90
CA LYS A 254 -17.13 7.80 -18.29
C LYS A 254 -16.76 6.34 -18.55
N PHE A 255 -15.57 5.94 -18.13
CA PHE A 255 -15.15 4.54 -18.27
C PHE A 255 -16.14 3.60 -17.62
N GLU A 256 -16.65 3.96 -16.45
CA GLU A 256 -17.56 3.10 -15.73
C GLU A 256 -18.90 2.92 -16.49
N THR A 257 -19.40 4.01 -17.06
N THR A 257 -19.41 3.99 -17.08
CA THR A 257 -20.64 3.94 -17.84
CA THR A 257 -20.66 3.87 -17.83
C THR A 257 -20.45 3.06 -19.08
C THR A 257 -20.46 3.04 -19.10
N ILE A 258 -19.32 3.20 -19.75
CA ILE A 258 -19.02 2.38 -20.90
C ILE A 258 -18.89 0.91 -20.50
N ARG A 259 -18.19 0.66 -19.38
CA ARG A 259 -18.03 -0.70 -18.87
C ARG A 259 -19.39 -1.34 -18.58
N ALA A 260 -20.29 -0.59 -17.95
CA ALA A 260 -21.63 -1.08 -17.64
C ALA A 260 -22.39 -1.44 -18.91
N HIS A 261 -22.34 -0.56 -19.90
CA HIS A 261 -23.03 -0.84 -21.15
C HIS A 261 -22.43 -2.03 -21.89
N GLY A 262 -21.11 -2.18 -21.80
CA GLY A 262 -20.46 -3.34 -22.37
C GLY A 262 -20.88 -4.62 -21.67
N ALA A 263 -20.98 -4.57 -20.34
CA ALA A 263 -21.42 -5.73 -19.56
C ALA A 263 -22.82 -6.17 -19.97
N LEU A 264 -23.70 -5.20 -20.19
CA LEU A 264 -25.06 -5.49 -20.60
C LEU A 264 -25.06 -6.10 -22.01
N ARG A 265 -24.30 -5.50 -22.91
CA ARG A 265 -24.22 -5.98 -24.29
CA ARG A 265 -24.20 -5.98 -24.28
C ARG A 265 -23.67 -7.41 -24.36
N MET A 266 -22.75 -7.74 -23.44
CA MET A 266 -22.15 -9.08 -23.41
C MET A 266 -23.07 -10.11 -22.80
N GLY A 267 -24.12 -9.65 -22.13
CA GLY A 267 -25.03 -10.54 -21.45
C GLY A 267 -24.56 -10.95 -20.07
N LEU A 268 -23.57 -10.23 -19.54
CA LEU A 268 -23.07 -10.52 -18.20
C LEU A 268 -24.01 -10.00 -17.11
N ILE A 269 -24.76 -8.95 -17.42
CA ILE A 269 -25.77 -8.42 -16.52
C ILE A 269 -27.04 -8.23 -17.32
N LYS A 270 -28.18 -8.16 -16.64
CA LYS A 270 -29.45 -8.03 -17.33
C LYS A 270 -30.00 -6.61 -17.24
N HIS A 271 -29.57 -5.87 -16.23
CA HIS A 271 -29.99 -4.50 -16.02
C HIS A 271 -28.73 -3.67 -15.82
N ILE A 272 -28.70 -2.50 -16.43
CA ILE A 272 -27.53 -1.63 -16.41
C ILE A 272 -27.04 -1.32 -14.98
N ASP A 273 -27.97 -1.23 -14.02
CA ASP A 273 -27.63 -0.88 -12.65
C ASP A 273 -26.82 -1.95 -11.93
N GLU A 274 -26.80 -3.16 -12.47
CA GLU A 274 -26.07 -4.26 -11.85
C GLU A 274 -24.57 -4.00 -11.84
N ALA A 275 -24.10 -3.10 -12.70
CA ALA A 275 -22.67 -2.85 -12.79
C ALA A 275 -22.10 -2.25 -11.51
N ALA A 276 -22.95 -1.58 -10.73
CA ALA A 276 -22.50 -0.96 -9.48
C ALA A 276 -21.95 -1.99 -8.51
N SER A 277 -22.62 -3.13 -8.41
N SER A 277 -22.60 -3.16 -8.43
CA SER A 277 -22.19 -4.17 -7.48
CA SER A 277 -22.20 -4.20 -7.48
C SER A 277 -21.20 -5.14 -8.12
C SER A 277 -21.39 -5.30 -8.15
N ARG A 278 -21.23 -5.21 -9.46
CA ARG A 278 -20.38 -6.13 -10.21
C ARG A 278 -19.20 -5.35 -10.79
N GLN A 279 -18.23 -5.04 -9.94
CA GLN A 279 -17.13 -4.14 -10.33
CA GLN A 279 -17.13 -4.14 -10.32
C GLN A 279 -15.93 -4.86 -10.94
N HIS A 280 -15.78 -6.13 -10.63
CA HIS A 280 -14.57 -6.88 -10.96
C HIS A 280 -14.58 -7.38 -12.39
N THR A 281 -15.76 -7.76 -12.88
CA THR A 281 -15.89 -8.21 -14.26
C THR A 281 -17.12 -7.56 -14.87
N PRO A 282 -17.09 -7.23 -16.17
CA PRO A 282 -15.94 -7.32 -17.06
C PRO A 282 -14.93 -6.21 -16.79
N LYS A 283 -13.73 -6.37 -17.32
CA LYS A 283 -12.75 -5.30 -17.33
C LYS A 283 -12.96 -4.42 -18.56
N ILE A 284 -12.47 -3.19 -18.49
CA ILE A 284 -12.46 -2.31 -19.66
C ILE A 284 -11.03 -1.82 -19.92
N ALA A 285 -10.66 -1.77 -21.19
CA ALA A 285 -9.31 -1.42 -21.62
C ALA A 285 -9.36 -0.64 -22.92
N PHE A 286 -8.31 0.13 -23.17
CA PHE A 286 -8.21 0.85 -24.43
C PHE A 286 -6.88 0.57 -25.13
N VAL A 287 -6.93 0.57 -26.46
CA VAL A 287 -5.81 0.08 -27.26
C VAL A 287 -5.40 1.12 -28.31
N ALA A 288 -4.15 1.03 -28.76
CA ALA A 288 -3.66 1.91 -29.81
C ALA A 288 -2.46 1.27 -30.49
N PRO A 289 -2.16 1.72 -31.73
CA PRO A 289 -0.93 1.24 -32.37
C PRO A 289 0.31 1.70 -31.59
N PRO A 290 1.48 1.09 -31.87
CA PRO A 290 2.71 1.47 -31.18
C PRO A 290 2.99 2.96 -31.22
N LYS A 291 3.46 3.48 -30.10
CA LYS A 291 3.88 4.86 -29.99
C LYS A 291 4.85 4.91 -28.83
N SER A 292 5.90 5.71 -28.97
N SER A 292 5.90 5.71 -28.96
CA SER A 292 6.91 5.83 -27.93
CA SER A 292 6.92 5.80 -27.93
C SER A 292 6.38 6.57 -26.72
C SER A 292 6.43 6.60 -26.73
N TYR A 293 6.83 6.17 -25.53
CA TYR A 293 6.47 6.88 -24.31
C TYR A 293 7.41 6.55 -23.18
N ALA A 294 7.46 7.42 -22.18
CA ALA A 294 8.16 7.15 -20.94
C ALA A 294 7.22 6.38 -20.02
N SER A 295 7.69 5.25 -19.52
CA SER A 295 6.91 4.45 -18.59
C SER A 295 6.93 5.10 -17.23
N SER A 296 6.15 4.54 -16.30
CA SER A 296 6.07 5.07 -14.94
C SER A 296 7.40 5.02 -14.19
N SER A 297 8.33 4.20 -14.65
CA SER A 297 9.64 4.13 -14.01
C SER A 297 10.63 5.15 -14.60
N GLY A 298 10.23 5.80 -15.69
CA GLY A 298 11.11 6.74 -16.37
C GLY A 298 11.75 6.16 -17.60
N LYS A 299 11.72 4.83 -17.75
CA LYS A 299 12.31 4.18 -18.91
C LYS A 299 11.51 4.44 -20.18
N THR A 300 12.21 4.67 -21.29
CA THR A 300 11.55 4.85 -22.57
C THR A 300 11.12 3.51 -23.15
N VAL A 301 9.85 3.44 -23.52
CA VAL A 301 9.35 2.34 -24.32
C VAL A 301 9.28 2.86 -25.75
N ALA A 302 10.13 2.31 -26.62
CA ALA A 302 10.15 2.74 -28.01
C ALA A 302 9.01 2.09 -28.79
N ALA A 303 8.47 2.79 -29.78
CA ALA A 303 7.40 2.24 -30.61
C ALA A 303 7.83 0.89 -31.19
N GLU A 304 9.11 0.79 -31.56
CA GLU A 304 9.65 -0.43 -32.14
C GLU A 304 9.70 -1.59 -31.16
N ASP A 305 9.59 -1.28 -29.87
CA ASP A 305 9.66 -2.31 -28.83
C ASP A 305 8.35 -3.10 -28.69
N VAL A 306 7.25 -2.55 -29.23
CA VAL A 306 5.94 -3.13 -28.98
C VAL A 306 5.12 -3.29 -30.25
N ASP A 307 4.14 -4.18 -30.19
CA ASP A 307 3.20 -4.40 -31.28
C ASP A 307 1.96 -3.52 -31.14
N LEU A 308 1.67 -3.09 -29.92
CA LEU A 308 0.52 -2.22 -29.65
C LEU A 308 0.62 -1.68 -28.23
N LEU A 309 -0.23 -0.72 -27.91
CA LEU A 309 -0.37 -0.18 -26.55
C LEU A 309 -1.69 -0.64 -25.98
N VAL A 310 -1.69 -1.04 -24.72
CA VAL A 310 -2.93 -1.34 -24.01
C VAL A 310 -2.89 -0.78 -22.61
N ARG A 311 -3.94 -0.08 -22.24
CA ARG A 311 -4.14 0.40 -20.86
C ARG A 311 -5.44 -0.21 -20.38
N ALA A 312 -5.49 -0.66 -19.13
CA ALA A 312 -6.72 -1.26 -18.62
C ALA A 312 -7.09 -0.65 -17.28
N LEU A 313 -8.38 -0.68 -16.97
CA LEU A 313 -8.86 -0.30 -15.65
C LEU A 313 -9.17 -1.53 -14.83
N SER A 314 -8.99 -1.41 -13.52
CA SER A 314 -9.43 -2.46 -12.62
C SER A 314 -10.04 -1.80 -11.39
N MET A 315 -11.25 -2.21 -11.05
CA MET A 315 -11.94 -1.67 -9.89
C MET A 315 -12.02 -0.15 -9.92
N GLY A 316 -12.19 0.43 -11.10
CA GLY A 316 -12.46 1.84 -11.25
C GLY A 316 -11.24 2.74 -11.35
N LYS A 317 -10.05 2.16 -11.51
CA LYS A 317 -8.84 2.95 -11.67
C LYS A 317 -8.00 2.39 -12.80
N LEU A 318 -7.27 3.25 -13.49
CA LEU A 318 -6.26 2.77 -14.42
C LEU A 318 -5.24 1.92 -13.67
N HIS A 319 -5.01 0.71 -14.16
CA HIS A 319 -4.10 -0.24 -13.56
C HIS A 319 -2.65 0.20 -13.80
N HIS A 320 -1.79 -0.03 -12.80
CA HIS A 320 -0.42 0.45 -12.84
C HIS A 320 0.44 -0.28 -13.87
N ALA A 321 0.02 -1.47 -14.26
CA ALA A 321 0.78 -2.27 -15.22
C ALA A 321 -0.23 -2.98 -16.11
N MET A 322 -0.33 -4.30 -16.03
CA MET A 322 -1.46 -4.98 -16.66
C MET A 322 -1.88 -6.19 -15.83
N MET A 323 -3.19 -6.35 -15.65
CA MET A 323 -3.70 -7.55 -15.00
C MET A 323 -3.31 -8.77 -15.85
N GLY A 324 -2.93 -9.86 -15.20
CA GLY A 324 -2.55 -11.06 -15.93
C GLY A 324 -3.70 -11.64 -16.73
N THR A 325 -4.90 -11.58 -16.16
CA THR A 325 -6.09 -12.03 -16.90
C THR A 325 -6.32 -11.19 -18.16
N ALA A 326 -6.18 -9.88 -18.03
CA ALA A 326 -6.35 -9.00 -19.17
C ALA A 326 -5.25 -9.24 -20.19
N ALA A 327 -4.05 -9.60 -19.75
CA ALA A 327 -2.98 -9.94 -20.67
C ALA A 327 -3.36 -11.16 -21.51
N VAL A 328 -4.01 -12.14 -20.90
CA VAL A 328 -4.54 -13.27 -21.65
C VAL A 328 -5.59 -12.81 -22.67
N ALA A 329 -6.48 -11.91 -22.28
CA ALA A 329 -7.48 -11.39 -23.19
C ALA A 329 -6.83 -10.65 -24.36
N ILE A 330 -5.77 -9.89 -24.09
CA ILE A 330 -5.03 -9.17 -25.11
C ILE A 330 -4.39 -10.14 -26.10
N GLY A 331 -3.66 -11.12 -25.58
CA GLY A 331 -2.97 -12.07 -26.45
C GLY A 331 -3.96 -12.87 -27.28
N THR A 332 -5.05 -13.29 -26.67
CA THR A 332 -6.10 -14.04 -27.37
C THR A 332 -6.75 -13.19 -28.45
N ALA A 333 -7.16 -11.97 -28.11
CA ALA A 333 -7.79 -11.11 -29.10
C ALA A 333 -6.83 -10.78 -30.23
N ALA A 334 -5.56 -10.57 -29.89
CA ALA A 334 -4.57 -10.22 -30.89
C ALA A 334 -4.38 -11.35 -31.90
N ALA A 335 -4.64 -12.59 -31.48
CA ALA A 335 -4.46 -13.75 -32.33
C ALA A 335 -5.66 -14.00 -33.27
N ILE A 336 -6.73 -13.26 -33.06
CA ILE A 336 -7.92 -13.39 -33.90
C ILE A 336 -8.01 -12.22 -34.87
N PRO A 337 -7.74 -12.47 -36.16
CA PRO A 337 -7.72 -11.38 -37.14
C PRO A 337 -9.03 -10.61 -37.16
N GLY A 338 -8.95 -9.28 -37.05
CA GLY A 338 -10.12 -8.44 -37.11
C GLY A 338 -10.61 -7.86 -35.80
N THR A 339 -10.16 -8.37 -34.65
CA THR A 339 -10.52 -7.72 -33.39
C THR A 339 -9.82 -6.37 -33.31
N LEU A 340 -10.31 -5.48 -32.45
CA LEU A 340 -9.67 -4.19 -32.30
C LEU A 340 -8.23 -4.32 -31.82
N VAL A 341 -7.97 -5.34 -30.99
CA VAL A 341 -6.63 -5.58 -30.49
C VAL A 341 -5.73 -6.02 -31.64
N ASN A 342 -6.22 -6.98 -32.42
CA ASN A 342 -5.50 -7.44 -33.60
C ASN A 342 -5.19 -6.29 -34.56
N LEU A 343 -6.17 -5.42 -34.78
CA LEU A 343 -6.00 -4.31 -35.72
C LEU A 343 -4.99 -3.29 -35.21
N ALA A 344 -5.00 -3.02 -33.90
CA ALA A 344 -4.03 -2.12 -33.31
C ALA A 344 -2.62 -2.66 -33.51
N ALA A 345 -2.52 -3.99 -33.57
CA ALA A 345 -1.22 -4.65 -33.74
C ALA A 345 -0.86 -4.91 -35.21
N GLY A 346 -1.65 -4.35 -36.13
CA GLY A 346 -1.30 -4.41 -37.53
C GLY A 346 -2.04 -5.45 -38.36
N GLY A 347 -2.91 -6.23 -37.71
CA GLY A 347 -3.73 -7.19 -38.40
C GLY A 347 -3.00 -8.48 -38.73
N GLY A 348 -3.76 -9.47 -39.20
CA GLY A 348 -3.20 -10.75 -39.59
C GLY A 348 -3.08 -11.73 -38.44
N GLU A 349 -2.80 -12.98 -38.75
CA GLU A 349 -2.54 -13.98 -37.71
C GLU A 349 -1.30 -13.58 -36.89
N LYS A 350 -1.36 -13.83 -35.59
CA LYS A 350 -0.32 -13.40 -34.65
C LYS A 350 -0.17 -14.40 -33.53
N GLU A 351 0.98 -15.06 -33.46
CA GLU A 351 1.18 -16.04 -32.42
C GLU A 351 1.57 -15.44 -31.08
N ALA A 352 1.94 -14.16 -31.08
CA ALA A 352 2.26 -13.46 -29.85
C ALA A 352 2.25 -11.98 -30.11
N VAL A 353 2.07 -11.19 -29.05
CA VAL A 353 2.28 -9.75 -29.10
C VAL A 353 3.00 -9.30 -27.85
N ARG A 354 3.81 -8.26 -28.01
CA ARG A 354 4.34 -7.53 -26.88
C ARG A 354 3.60 -6.22 -26.85
N PHE A 355 2.92 -5.94 -25.74
CA PHE A 355 2.19 -4.69 -25.64
C PHE A 355 2.80 -3.78 -24.59
N GLY A 356 2.61 -2.47 -24.79
CA GLY A 356 3.06 -1.49 -23.85
C GLY A 356 1.96 -1.06 -22.91
N HIS A 357 2.23 -1.19 -21.62
CA HIS A 357 1.33 -0.77 -20.55
C HIS A 357 2.04 0.34 -19.74
N PRO A 358 1.39 0.90 -18.70
CA PRO A 358 2.04 2.05 -18.06
C PRO A 358 3.42 1.78 -17.46
N SER A 359 3.70 0.54 -17.05
CA SER A 359 4.98 0.24 -16.41
C SER A 359 6.05 -0.31 -17.37
N GLY A 360 5.73 -0.43 -18.65
CA GLY A 360 6.67 -1.03 -19.59
C GLY A 360 5.97 -1.99 -20.53
N THR A 361 6.57 -3.15 -20.77
CA THR A 361 6.00 -4.05 -21.77
C THR A 361 5.74 -5.44 -21.20
N LEU A 362 4.90 -6.19 -21.90
CA LEU A 362 4.58 -7.57 -21.53
C LEU A 362 4.33 -8.35 -22.80
N ARG A 363 5.01 -9.48 -22.95
CA ARG A 363 4.82 -10.36 -24.10
C ARG A 363 3.89 -11.52 -23.72
N VAL A 364 2.87 -11.71 -24.53
CA VAL A 364 1.92 -12.81 -24.33
C VAL A 364 1.75 -13.53 -25.66
N GLY A 365 1.79 -14.85 -25.62
CA GLY A 365 1.57 -15.64 -26.81
C GLY A 365 0.25 -16.36 -26.72
N ALA A 366 -0.51 -16.40 -27.82
CA ALA A 366 -1.75 -17.16 -27.84
C ALA A 366 -1.84 -17.95 -29.13
N GLN A 367 -2.10 -19.24 -28.97
CA GLN A 367 -2.10 -20.18 -30.10
C GLN A 367 -3.52 -20.37 -30.64
N ALA A 368 -3.83 -19.66 -31.73
CA ALA A 368 -5.14 -19.76 -32.38
C ALA A 368 -5.07 -20.64 -33.62
N VAL A 369 -5.94 -21.64 -33.67
CA VAL A 369 -5.99 -22.54 -34.81
C VAL A 369 -7.44 -22.68 -35.25
N GLN A 370 -7.64 -22.81 -36.55
CA GLN A 370 -8.97 -23.01 -37.08
C GLN A 370 -9.38 -24.47 -36.89
N GLU A 371 -10.64 -24.67 -36.57
CA GLU A 371 -11.24 -25.99 -36.48
C GLU A 371 -12.65 -25.82 -36.99
N ASN A 372 -13.02 -26.57 -38.03
CA ASN A 372 -14.35 -26.48 -38.62
C ASN A 372 -14.68 -25.03 -39.05
N GLY A 373 -13.68 -24.32 -39.54
CA GLY A 373 -13.86 -22.96 -40.00
C GLY A 373 -14.09 -21.93 -38.90
N GLU A 374 -13.77 -22.30 -37.65
CA GLU A 374 -13.94 -21.40 -36.52
C GLU A 374 -12.66 -21.39 -35.68
N TRP A 375 -12.40 -20.26 -35.04
CA TRP A 375 -11.20 -20.13 -34.22
C TRP A 375 -11.30 -20.88 -32.91
N THR A 376 -10.22 -21.57 -32.56
CA THR A 376 -10.05 -22.10 -31.23
C THR A 376 -8.71 -21.59 -30.71
N VAL A 377 -8.64 -21.29 -29.42
CA VAL A 377 -7.38 -20.90 -28.82
C VAL A 377 -6.95 -21.95 -27.82
N ILE A 378 -5.86 -22.63 -28.14
CA ILE A 378 -5.39 -23.76 -27.36
C ILE A 378 -4.85 -23.33 -26.00
N LYS A 379 -4.09 -22.25 -25.99
CA LYS A 379 -3.47 -21.76 -24.76
C LYS A 379 -2.96 -20.35 -24.98
N ALA A 380 -2.79 -19.64 -23.88
CA ALA A 380 -2.08 -18.37 -23.86
C ALA A 380 -0.95 -18.49 -22.84
N ILE A 381 0.21 -17.93 -23.19
CA ILE A 381 1.38 -18.10 -22.33
C ILE A 381 2.06 -16.77 -22.05
N MET A 382 2.65 -16.67 -20.86
CA MET A 382 3.47 -15.52 -20.52
C MET A 382 4.40 -15.94 -19.39
N SER A 383 5.41 -15.13 -19.14
CA SER A 383 6.31 -15.36 -18.01
C SER A 383 6.08 -14.34 -16.93
N ARG A 384 6.10 -14.81 -15.68
CA ARG A 384 6.01 -13.96 -14.52
C ARG A 384 7.13 -14.38 -13.57
N SER A 385 7.02 -14.02 -12.29
CA SER A 385 7.94 -14.45 -11.24
C SER A 385 7.17 -14.29 -9.94
N ALA A 386 7.71 -14.82 -8.85
CA ALA A 386 7.06 -14.72 -7.55
C ALA A 386 8.05 -14.85 -6.44
N ARG A 387 7.71 -14.30 -5.28
CA ARG A 387 8.51 -14.53 -4.09
C ARG A 387 7.70 -14.30 -2.84
N VAL A 388 8.08 -15.02 -1.80
CA VAL A 388 7.55 -14.77 -0.47
C VAL A 388 8.13 -13.49 0.11
N LEU A 389 7.23 -12.65 0.61
CA LEU A 389 7.60 -11.42 1.31
C LEU A 389 7.62 -11.61 2.82
N MET A 390 6.59 -12.28 3.34
CA MET A 390 6.51 -12.55 4.77
C MET A 390 5.71 -13.83 4.96
N GLU A 391 6.09 -14.64 5.95
CA GLU A 391 5.41 -15.90 6.22
CA GLU A 391 5.40 -15.89 6.22
C GLU A 391 5.22 -16.01 7.72
N GLY A 392 4.10 -16.57 8.16
CA GLY A 392 3.85 -16.75 9.57
C GLY A 392 2.37 -16.80 9.84
N PHE A 393 1.91 -15.84 10.64
CA PHE A 393 0.50 -15.80 11.04
C PHE A 393 -0.03 -14.38 10.95
N VAL A 394 -1.14 -14.22 10.23
CA VAL A 394 -1.88 -12.96 10.30
C VAL A 394 -2.82 -13.00 11.49
N ARG A 395 -3.18 -11.82 11.98
CA ARG A 395 -4.08 -11.71 13.12
C ARG A 395 -5.29 -10.86 12.79
N VAL A 396 -6.44 -11.25 13.34
CA VAL A 396 -7.63 -10.42 13.31
C VAL A 396 -8.36 -10.58 14.64
N PRO A 397 -9.16 -9.59 15.02
CA PRO A 397 -10.00 -9.78 16.22
C PRO A 397 -10.90 -11.01 16.05
N LYS A 398 -11.24 -11.64 17.17
CA LYS A 398 -11.99 -12.88 17.15
C LYS A 398 -13.34 -12.65 16.48
N PRO A 399 -13.68 -13.49 15.49
CA PRO A 399 -14.93 -13.41 14.75
C PRO A 399 -16.17 -13.50 15.65
CA LEU B 7 23.40 -20.30 -8.89
C LEU B 7 22.94 -19.00 -8.24
N PHE B 8 21.67 -18.96 -7.87
CA PHE B 8 21.11 -17.86 -7.09
C PHE B 8 20.69 -18.43 -5.75
N PRO B 9 21.33 -17.96 -4.66
CA PRO B 9 21.06 -18.56 -3.35
C PRO B 9 19.63 -18.29 -2.86
N PRO B 10 19.12 -19.12 -1.96
CA PRO B 10 17.78 -18.83 -1.43
C PRO B 10 17.72 -17.52 -0.66
N GLN B 11 16.51 -16.99 -0.56
CA GLN B 11 16.28 -15.82 0.29
C GLN B 11 16.62 -16.15 1.73
N ILE B 12 17.09 -15.15 2.46
CA ILE B 12 17.22 -15.30 3.91
C ILE B 12 15.90 -14.97 4.59
N LYS B 13 15.72 -15.50 5.79
CA LYS B 13 14.56 -15.25 6.62
C LYS B 13 14.99 -14.42 7.82
N VAL B 14 14.23 -13.38 8.16
CA VAL B 14 14.52 -12.54 9.31
C VAL B 14 13.25 -12.44 10.17
N ALA B 15 13.33 -12.82 11.45
CA ALA B 15 12.16 -12.73 12.31
C ALA B 15 11.71 -11.28 12.41
N ALA B 16 10.40 -11.06 12.26
CA ALA B 16 9.87 -9.71 12.22
C ALA B 16 8.39 -9.72 12.53
N THR B 17 7.89 -8.56 12.92
CA THR B 17 6.47 -8.37 13.16
C THR B 17 6.01 -7.13 12.41
N TYR B 18 4.93 -7.28 11.64
CA TYR B 18 4.33 -6.19 10.90
C TYR B 18 3.15 -5.66 11.74
N MET B 19 3.20 -4.39 12.11
CA MET B 19 2.22 -3.82 13.05
C MET B 19 1.63 -2.53 12.54
N ARG B 20 0.40 -2.26 12.96
CA ARG B 20 -0.14 -0.90 12.91
C ARG B 20 0.14 -0.24 14.25
N GLY B 21 0.69 0.97 14.22
CA GLY B 21 0.75 1.80 15.40
C GLY B 21 0.13 3.13 15.02
N GLY B 22 -0.91 3.55 15.75
CA GLY B 22 -1.60 4.76 15.35
C GLY B 22 -2.08 4.64 13.90
N THR B 23 -1.84 5.70 13.13
CA THR B 23 -2.25 5.75 11.72
C THR B 23 -1.13 5.34 10.75
N SER B 24 -0.22 4.48 11.20
CA SER B 24 0.93 4.04 10.38
C SER B 24 1.12 2.54 10.47
N LYS B 25 1.83 1.98 9.51
CA LYS B 25 2.21 0.56 9.53
C LYS B 25 3.72 0.46 9.38
N GLY B 26 4.33 -0.44 10.12
CA GLY B 26 5.78 -0.60 10.07
C GLY B 26 6.21 -2.03 10.29
N VAL B 27 7.43 -2.31 9.83
CA VAL B 27 8.06 -3.60 10.09
C VAL B 27 9.00 -3.47 11.28
N PHE B 28 8.78 -4.31 12.27
CA PHE B 28 9.48 -4.25 13.55
C PHE B 28 10.43 -5.42 13.70
N PHE B 29 11.64 -5.13 14.18
CA PHE B 29 12.67 -6.15 14.41
C PHE B 29 13.25 -6.04 15.82
N ARG B 30 13.46 -7.17 16.48
CA ARG B 30 14.44 -7.19 17.58
C ARG B 30 15.83 -7.06 16.96
N LEU B 31 16.71 -6.27 17.57
CA LEU B 31 18.07 -6.11 17.08
C LEU B 31 18.75 -7.47 16.88
N GLN B 32 18.60 -8.36 17.84
CA GLN B 32 19.29 -9.64 17.79
C GLN B 32 18.78 -10.58 16.69
N ASP B 33 17.62 -10.27 16.13
CA ASP B 33 17.04 -11.10 15.06
C ASP B 33 17.58 -10.70 13.68
N LEU B 34 18.18 -9.52 13.59
CA LEU B 34 18.75 -9.07 12.34
C LEU B 34 19.98 -9.91 11.98
N PRO B 35 20.27 -10.05 10.67
CA PRO B 35 21.55 -10.64 10.27
C PRO B 35 22.67 -9.84 10.94
N GLU B 36 23.76 -10.52 11.29
CA GLU B 36 24.84 -9.89 12.04
C GLU B 36 25.31 -8.58 11.44
N ALA B 37 25.47 -8.53 10.11
CA ALA B 37 25.95 -7.33 9.45
C ALA B 37 25.05 -6.11 9.70
N ALA B 38 23.76 -6.37 9.93
CA ALA B 38 22.78 -5.31 10.12
C ALA B 38 22.60 -4.94 11.59
N GLN B 39 23.35 -5.59 12.48
CA GLN B 39 23.21 -5.31 13.91
C GLN B 39 24.00 -4.07 14.33
N VAL B 40 24.69 -3.43 13.40
CA VAL B 40 25.27 -2.11 13.62
C VAL B 40 24.76 -1.15 12.55
N PRO B 41 24.77 0.16 12.82
CA PRO B 41 24.35 1.10 11.78
C PRO B 41 25.29 1.08 10.58
N GLY B 42 24.75 1.42 9.42
CA GLY B 42 25.57 1.55 8.23
C GLY B 42 24.93 0.96 6.99
N PRO B 43 25.72 0.83 5.92
CA PRO B 43 25.19 0.38 4.62
C PRO B 43 24.52 -0.97 4.64
N ALA B 44 25.02 -1.95 5.38
CA ALA B 44 24.39 -3.27 5.36
C ALA B 44 22.99 -3.22 5.98
N ARG B 45 22.86 -2.54 7.11
CA ARG B 45 21.56 -2.37 7.75
C ARG B 45 20.61 -1.64 6.81
N ASP B 46 21.06 -0.54 6.24
CA ASP B 46 20.18 0.26 5.39
C ASP B 46 19.76 -0.54 4.15
N ALA B 47 20.69 -1.29 3.56
CA ALA B 47 20.38 -2.10 2.38
C ALA B 47 19.35 -3.17 2.70
N LEU B 48 19.46 -3.78 3.87
CA LEU B 48 18.51 -4.79 4.29
C LEU B 48 17.11 -4.20 4.44
N LEU B 49 17.01 -3.08 5.14
CA LEU B 49 15.73 -2.45 5.39
C LEU B 49 15.08 -1.99 4.09
N LEU B 50 15.90 -1.42 3.20
CA LEU B 50 15.42 -1.04 1.88
C LEU B 50 14.80 -2.24 1.16
N ARG B 51 15.49 -3.37 1.17
CA ARG B 51 15.00 -4.54 0.45
CA ARG B 51 15.00 -4.55 0.46
C ARG B 51 13.75 -5.12 1.10
N VAL B 52 13.68 -5.12 2.42
CA VAL B 52 12.48 -5.59 3.10
C VAL B 52 11.26 -4.77 2.68
N ILE B 53 11.44 -3.47 2.60
CA ILE B 53 10.34 -2.55 2.29
C ILE B 53 10.01 -2.53 0.79
N GLY B 54 11.00 -2.81 -0.05
CA GLY B 54 10.81 -2.82 -1.50
C GLY B 54 11.34 -1.59 -2.20
N SER B 55 12.36 -0.96 -1.62
CA SER B 55 12.94 0.28 -2.11
C SER B 55 14.42 0.10 -2.48
N PRO B 56 14.99 1.02 -3.29
CA PRO B 56 14.30 2.11 -3.99
C PRO B 56 13.46 1.54 -5.11
N ASP B 57 12.32 2.17 -5.35
CA ASP B 57 11.40 1.65 -6.36
C ASP B 57 11.05 2.73 -7.36
N PRO B 58 11.59 2.65 -8.58
CA PRO B 58 11.27 3.67 -9.58
C PRO B 58 9.79 3.66 -9.98
N TYR B 59 9.06 2.58 -9.70
CA TYR B 59 7.63 2.54 -9.99
C TYR B 59 6.78 3.20 -8.91
N ALA B 60 7.39 3.45 -7.75
CA ALA B 60 6.72 4.08 -6.61
C ALA B 60 5.48 3.31 -6.14
N LYS B 61 5.57 1.98 -6.17
CA LYS B 61 4.47 1.13 -5.72
C LYS B 61 4.83 0.16 -4.60
N GLN B 62 6.13 -0.09 -4.42
CA GLN B 62 6.60 -1.06 -3.42
C GLN B 62 5.89 -2.42 -3.52
N ILE B 63 5.69 -2.88 -4.75
CA ILE B 63 5.01 -4.15 -4.99
C ILE B 63 5.94 -5.33 -4.67
N ASP B 64 7.24 -5.04 -4.56
CA ASP B 64 8.19 -6.10 -4.28
C ASP B 64 8.78 -5.97 -2.87
N GLY B 65 7.96 -5.58 -1.91
CA GLY B 65 8.39 -5.51 -0.52
C GLY B 65 7.20 -5.27 0.39
N MET B 66 7.48 -5.02 1.66
CA MET B 66 6.46 -4.83 2.68
C MET B 66 5.88 -3.42 2.69
N GLY B 67 6.50 -2.47 2.00
CA GLY B 67 6.01 -1.11 1.99
C GLY B 67 4.67 -0.95 1.31
N GLY B 68 3.97 0.14 1.62
CA GLY B 68 2.68 0.45 1.03
C GLY B 68 2.73 1.68 0.15
N ALA B 69 3.94 2.13 -0.18
CA ALA B 69 4.16 3.22 -1.14
C ALA B 69 3.66 4.58 -0.64
N THR B 70 3.61 4.74 0.67
CA THR B 70 3.33 6.05 1.26
C THR B 70 4.31 6.22 2.42
N SER B 71 4.54 7.45 2.84
CA SER B 71 5.45 7.71 3.94
C SER B 71 5.02 6.96 5.20
N SER B 72 3.71 6.88 5.40
N SER B 72 3.72 6.86 5.44
CA SER B 72 3.11 6.25 6.59
CA SER B 72 3.20 6.25 6.66
C SER B 72 3.24 4.75 6.60
C SER B 72 3.13 4.73 6.57
N THR B 73 3.60 4.17 5.45
CA THR B 73 3.68 2.72 5.28
C THR B 73 5.03 2.28 4.72
N SER B 74 6.04 3.12 4.85
CA SER B 74 7.40 2.80 4.40
C SER B 74 8.34 3.01 5.60
N GLU B 75 8.12 2.19 6.62
CA GLU B 75 8.63 2.44 7.96
C GLU B 75 9.21 1.18 8.56
N THR B 76 10.36 1.34 9.21
CA THR B 76 11.01 0.24 9.91
C THR B 76 11.41 0.66 11.31
N VAL B 77 11.46 -0.33 12.20
CA VAL B 77 11.76 -0.10 13.62
C VAL B 77 12.67 -1.20 14.11
N ILE B 78 13.74 -0.79 14.81
CA ILE B 78 14.66 -1.74 15.46
C ILE B 78 14.65 -1.48 16.96
N LEU B 79 14.31 -2.53 17.70
CA LEU B 79 14.17 -2.44 19.15
C LEU B 79 15.10 -3.41 19.86
N SER B 80 15.56 -2.98 21.04
CA SER B 80 16.42 -3.83 21.87
C SER B 80 16.23 -3.49 23.33
N HIS B 81 16.54 -4.42 24.23
CA HIS B 81 16.51 -4.11 25.64
C HIS B 81 17.56 -3.05 25.93
N SER B 82 17.18 -2.03 26.69
CA SER B 82 18.07 -0.91 26.94
C SER B 82 19.02 -1.17 28.11
N SER B 83 20.25 -0.69 27.99
N SER B 83 20.25 -0.69 27.99
CA SER B 83 21.21 -0.74 29.09
CA SER B 83 21.20 -0.74 29.09
C SER B 83 21.24 0.60 29.81
C SER B 83 21.18 0.58 29.85
N LYS B 84 20.55 1.58 29.24
CA LYS B 84 20.48 2.93 29.83
C LYS B 84 19.70 2.93 31.13
N ALA B 85 20.19 3.70 32.10
CA ALA B 85 19.46 3.87 33.34
C ALA B 85 18.09 4.46 33.04
N ASN B 86 17.09 3.93 33.73
CA ASN B 86 15.72 4.42 33.67
C ASN B 86 14.98 4.19 32.36
N HIS B 87 15.48 3.26 31.54
CA HIS B 87 14.78 2.90 30.30
C HIS B 87 14.69 1.39 30.14
N ASP B 88 13.62 0.95 29.48
CA ASP B 88 13.41 -0.47 29.23
C ASP B 88 13.87 -0.88 27.85
N VAL B 89 13.54 -0.06 26.86
CA VAL B 89 13.74 -0.44 25.48
C VAL B 89 14.37 0.69 24.67
N ASP B 90 15.34 0.34 23.83
CA ASP B 90 15.96 1.27 22.91
CA ASP B 90 15.94 1.29 22.90
C ASP B 90 15.23 1.20 21.56
N TYR B 91 14.86 2.36 21.03
CA TYR B 91 14.02 2.43 19.83
C TYR B 91 14.70 3.25 18.74
N LEU B 92 14.97 2.61 17.60
CA LEU B 92 15.41 3.29 16.40
C LEU B 92 14.33 3.19 15.33
N PHE B 93 14.01 4.33 14.74
CA PHE B 93 13.05 4.44 13.66
C PHE B 93 13.78 4.77 12.36
N GLY B 94 13.53 3.99 11.32
CA GLY B 94 14.09 4.25 10.00
C GLY B 94 13.00 4.59 9.00
N GLN B 95 13.01 5.81 8.50
CA GLN B 95 12.09 6.23 7.46
C GLN B 95 12.69 5.80 6.13
N VAL B 96 12.06 4.84 5.48
CA VAL B 96 12.63 4.25 4.28
C VAL B 96 12.15 5.00 3.05
N SER B 97 13.09 5.60 2.32
CA SER B 97 12.72 6.33 1.11
C SER B 97 12.04 5.42 0.12
N ILE B 98 11.03 5.94 -0.58
CA ILE B 98 10.38 5.17 -1.62
C ILE B 98 11.24 5.15 -2.89
N ASP B 99 11.83 6.29 -3.23
CA ASP B 99 12.51 6.47 -4.50
C ASP B 99 14.04 6.42 -4.44
N LYS B 100 14.62 6.62 -3.26
CA LYS B 100 16.08 6.70 -3.12
C LYS B 100 16.59 5.54 -2.30
N PRO B 101 17.85 5.13 -2.50
CA PRO B 101 18.41 4.04 -1.69
C PRO B 101 18.88 4.62 -0.35
N PHE B 102 17.92 5.10 0.44
CA PHE B 102 18.23 5.86 1.63
C PHE B 102 17.24 5.53 2.75
N VAL B 103 17.77 5.35 3.95
CA VAL B 103 16.95 5.24 5.15
C VAL B 103 17.32 6.41 6.06
N ASP B 104 16.35 7.20 6.45
CA ASP B 104 16.60 8.40 7.23
C ASP B 104 16.42 8.10 8.71
N TRP B 105 17.46 8.39 9.50
CA TRP B 105 17.48 8.10 10.92
C TRP B 105 17.42 9.37 11.78
N SER B 106 17.02 10.47 11.18
CA SER B 106 17.07 11.75 11.89
C SER B 106 15.88 12.05 12.80
N GLY B 107 14.87 11.18 12.80
CA GLY B 107 13.69 11.47 13.58
C GLY B 107 13.01 10.29 14.22
N ASN B 108 12.03 10.60 15.06
CA ASN B 108 11.18 9.62 15.69
C ASN B 108 9.96 9.37 14.79
N CYS B 109 9.23 8.30 15.11
CA CYS B 109 7.88 8.12 14.59
C CYS B 109 6.92 8.02 15.77
N GLY B 110 6.02 9.00 15.85
CA GLY B 110 5.12 9.11 16.99
C GLY B 110 4.01 8.09 16.97
N ASN B 111 3.45 7.84 15.79
CA ASN B 111 2.37 6.86 15.66
C ASN B 111 2.81 5.45 16.04
N LEU B 112 4.05 5.10 15.72
CA LEU B 112 4.49 3.75 16.01
C LEU B 112 4.90 3.53 17.47
N THR B 113 4.94 4.61 18.25
N THR B 113 4.93 4.61 18.26
CA THR B 113 5.34 4.51 19.65
CA THR B 113 5.34 4.50 19.66
C THR B 113 4.48 3.53 20.44
C THR B 113 4.48 3.54 20.47
N ALA B 114 3.17 3.54 20.23
CA ALA B 114 2.29 2.59 20.93
C ALA B 114 2.69 1.16 20.57
N ALA B 115 3.02 0.95 19.30
CA ALA B 115 3.42 -0.38 18.82
C ALA B 115 4.78 -0.79 19.38
N VAL B 116 5.67 0.18 19.57
CA VAL B 116 6.96 -0.07 20.22
C VAL B 116 6.74 -0.62 21.63
N GLY B 117 5.85 0.01 22.38
CA GLY B 117 5.58 -0.45 23.73
C GLY B 117 5.03 -1.87 23.74
N ALA B 118 4.07 -2.13 22.86
CA ALA B 118 3.48 -3.45 22.77
C ALA B 118 4.49 -4.51 22.33
N PHE B 119 5.29 -4.19 21.31
CA PHE B 119 6.31 -5.11 20.82
C PHE B 119 7.29 -5.45 21.94
N ALA B 120 7.72 -4.44 22.69
CA ALA B 120 8.68 -4.64 23.77
C ALA B 120 8.17 -5.64 24.78
N ILE B 121 6.91 -5.50 25.17
CA ILE B 121 6.30 -6.40 26.13
C ILE B 121 6.20 -7.82 25.56
N SER B 122 5.73 -7.90 24.31
CA SER B 122 5.45 -9.20 23.71
C SER B 122 6.73 -9.97 23.36
N ASN B 123 7.84 -9.26 23.28
CA ASN B 123 9.09 -9.87 22.84
C ASN B 123 10.21 -9.84 23.87
N GLY B 124 9.83 -9.68 25.12
CA GLY B 124 10.76 -9.82 26.24
C GLY B 124 11.82 -8.75 26.34
N LEU B 125 11.54 -7.55 25.86
CA LEU B 125 12.52 -6.46 25.91
C LEU B 125 12.37 -5.60 27.17
N ILE B 126 11.39 -5.93 28.01
CA ILE B 126 11.23 -5.28 29.30
C ILE B 126 11.31 -6.37 30.38
N ASP B 127 11.88 -6.02 31.53
N ASP B 127 11.88 -6.02 31.53
CA ASP B 127 11.94 -6.93 32.68
CA ASP B 127 11.92 -6.93 32.68
C ASP B 127 10.54 -7.46 32.99
C ASP B 127 10.53 -7.47 32.97
N ALA B 128 10.42 -8.78 33.10
CA ALA B 128 9.13 -9.41 33.39
C ALA B 128 8.49 -8.86 34.67
N ALA B 129 9.32 -8.46 35.63
CA ALA B 129 8.83 -7.94 36.91
C ALA B 129 8.09 -6.62 36.76
N ARG B 130 8.32 -5.93 35.65
CA ARG B 130 7.68 -4.64 35.42
C ARG B 130 6.34 -4.77 34.69
N ILE B 131 5.97 -6.00 34.36
CA ILE B 131 4.71 -6.23 33.66
C ILE B 131 3.68 -6.77 34.65
N PRO B 132 2.61 -6.02 34.90
CA PRO B 132 1.56 -6.51 35.79
C PRO B 132 0.83 -7.66 35.11
N ARG B 133 0.15 -8.51 35.89
CA ARG B 133 -0.64 -9.59 35.33
C ARG B 133 -1.86 -9.02 34.61
N ASN B 134 -2.49 -8.02 35.22
CA ASN B 134 -3.60 -7.32 34.63
C ASN B 134 -3.47 -5.85 35.00
N GLY B 135 -3.65 -4.97 34.04
CA GLY B 135 -3.58 -3.56 34.32
C GLY B 135 -2.88 -2.84 33.21
N VAL B 136 -1.94 -1.97 33.55
CA VAL B 136 -1.25 -1.16 32.56
C VAL B 136 0.24 -1.23 32.79
N CYS B 137 0.99 -1.59 31.75
CA CYS B 137 2.43 -1.66 31.82
C CYS B 137 3.02 -0.38 31.29
N THR B 138 3.78 0.33 32.12
N THR B 138 3.72 0.34 32.14
CA THR B 138 4.42 1.56 31.70
CA THR B 138 4.46 1.52 31.73
C THR B 138 5.81 1.30 31.14
C THR B 138 5.76 1.04 31.09
N VAL B 139 5.95 1.40 29.82
CA VAL B 139 7.19 1.08 29.14
C VAL B 139 8.00 2.35 28.94
N ARG B 140 9.23 2.37 29.45
CA ARG B 140 10.09 3.53 29.32
C ARG B 140 10.96 3.33 28.09
N ILE B 141 10.70 4.14 27.07
CA ILE B 141 11.36 3.99 25.80
C ILE B 141 12.44 5.05 25.63
N TRP B 142 13.65 4.61 25.33
CA TRP B 142 14.69 5.50 24.89
C TRP B 142 14.60 5.67 23.38
N GLN B 143 14.19 6.85 22.94
CA GLN B 143 14.11 7.16 21.53
C GLN B 143 15.52 7.49 21.10
N ALA B 144 16.18 6.56 20.41
CA ALA B 144 17.60 6.66 20.14
C ALA B 144 17.95 7.55 18.96
N ASN B 145 16.99 7.81 18.07
CA ASN B 145 17.22 8.74 16.97
C ASN B 145 17.44 10.15 17.49
N ILE B 146 16.65 10.54 18.47
CA ILE B 146 16.61 11.93 18.92
C ILE B 146 17.05 12.13 20.37
N GLY B 147 17.34 11.04 21.06
CA GLY B 147 17.82 11.11 22.44
C GLY B 147 16.80 11.66 23.42
N LYS B 148 15.61 11.07 23.42
CA LYS B 148 14.51 11.52 24.26
C LYS B 148 13.80 10.33 24.89
N THR B 149 13.20 10.55 26.05
CA THR B 149 12.38 9.55 26.70
C THR B 149 10.93 9.67 26.24
N ILE B 150 10.33 8.53 25.91
CA ILE B 150 8.90 8.47 25.63
C ILE B 150 8.33 7.34 26.44
N ILE B 151 7.11 7.50 26.94
CA ILE B 151 6.47 6.50 27.77
C ILE B 151 5.24 5.94 27.06
N ALA B 152 5.11 4.62 26.99
CA ALA B 152 3.89 4.01 26.47
C ALA B 152 3.21 3.21 27.58
N HIS B 153 1.94 3.52 27.83
CA HIS B 153 1.17 2.84 28.85
C HIS B 153 0.32 1.78 28.16
N VAL B 154 0.78 0.54 28.18
CA VAL B 154 0.14 -0.51 27.39
C VAL B 154 -0.71 -1.39 28.28
N PRO B 155 -1.98 -1.56 27.92
CA PRO B 155 -2.84 -2.42 28.75
C PRO B 155 -2.46 -3.89 28.64
N ILE B 156 -2.59 -4.60 29.77
CA ILE B 156 -2.24 -6.00 29.89
C ILE B 156 -3.42 -6.79 30.40
N THR B 157 -3.67 -7.94 29.80
CA THR B 157 -4.67 -8.88 30.27
C THR B 157 -4.04 -10.27 30.33
N ASP B 158 -4.13 -10.92 31.48
CA ASP B 158 -3.56 -12.26 31.67
C ASP B 158 -2.10 -12.34 31.24
N GLY B 159 -1.35 -11.29 31.56
CA GLY B 159 0.07 -11.26 31.31
C GLY B 159 0.49 -10.92 29.89
N ALA B 160 -0.47 -10.72 29.00
CA ALA B 160 -0.16 -10.43 27.59
C ALA B 160 -0.72 -9.07 27.22
N VAL B 161 -0.15 -8.46 26.17
CA VAL B 161 -0.68 -7.21 25.67
C VAL B 161 -2.16 -7.35 25.29
N GLN B 162 -2.98 -6.43 25.78
CA GLN B 162 -4.37 -6.32 25.36
C GLN B 162 -4.40 -5.44 24.10
N GLU B 163 -4.60 -6.07 22.96
CA GLU B 163 -4.58 -5.37 21.67
C GLU B 163 -5.95 -4.82 21.30
N THR B 164 -6.97 -5.63 21.52
CA THR B 164 -8.32 -5.33 21.06
C THR B 164 -9.06 -4.45 22.08
N GLY B 165 -10.07 -3.73 21.63
CA GLY B 165 -10.75 -2.79 22.48
C GLY B 165 -11.70 -1.92 21.70
N ASP B 166 -12.26 -0.91 22.36
CA ASP B 166 -13.26 -0.05 21.72
C ASP B 166 -12.81 1.39 21.53
N PHE B 167 -11.52 1.65 21.63
CA PHE B 167 -11.01 3.01 21.45
C PHE B 167 -10.81 3.32 19.98
N GLU B 168 -11.41 4.42 19.53
CA GLU B 168 -11.34 4.84 18.14
C GLU B 168 -10.34 5.96 17.94
N LEU B 169 -9.60 5.88 16.84
CA LEU B 169 -8.69 6.94 16.40
C LEU B 169 -9.16 7.39 15.03
N ASP B 170 -9.26 8.69 14.80
CA ASP B 170 -9.58 9.15 13.44
C ASP B 170 -8.40 8.83 12.53
N GLY B 171 -8.69 8.09 11.47
CA GLY B 171 -7.66 7.58 10.58
C GLY B 171 -7.33 6.11 10.81
N VAL B 172 -7.90 5.51 11.85
CA VAL B 172 -7.75 4.07 12.06
C VAL B 172 -9.10 3.45 11.86
N THR B 173 -9.15 2.51 10.93
CA THR B 173 -10.41 1.97 10.48
C THR B 173 -11.22 1.31 11.61
N PHE B 174 -10.58 0.50 12.43
CA PHE B 174 -11.26 -0.31 13.43
C PHE B 174 -10.81 0.06 14.84
N PRO B 175 -11.72 -0.03 15.82
CA PRO B 175 -11.30 0.27 17.19
C PRO B 175 -10.32 -0.77 17.75
N ALA B 176 -9.57 -0.35 18.75
CA ALA B 176 -8.61 -1.23 19.41
C ALA B 176 -8.41 -0.72 20.85
N ALA B 177 -7.53 -1.34 21.61
CA ALA B 177 -7.28 -0.87 22.97
C ALA B 177 -6.56 0.47 22.97
N GLU B 178 -6.98 1.38 23.83
CA GLU B 178 -6.29 2.66 24.01
C GLU B 178 -4.89 2.45 24.57
N VAL B 179 -3.91 3.14 23.99
CA VAL B 179 -2.56 3.16 24.52
C VAL B 179 -2.17 4.62 24.73
N GLN B 180 -2.00 5.02 25.98
CA GLN B 180 -1.61 6.40 26.26
C GLN B 180 -0.10 6.56 26.11
N ILE B 181 0.31 7.63 25.45
CA ILE B 181 1.73 7.91 25.22
C ILE B 181 2.08 9.23 25.85
N GLU B 182 3.31 9.32 26.37
CA GLU B 182 3.82 10.56 26.93
C GLU B 182 5.21 10.85 26.40
N PHE B 183 5.36 11.99 25.72
CA PHE B 183 6.65 12.41 25.20
C PHE B 183 7.26 13.35 26.22
N MET B 184 8.29 12.88 26.94
CA MET B 184 8.87 13.64 28.05
C MET B 184 9.84 14.70 27.55
N ASN B 185 9.79 15.88 28.16
CA ASN B 185 10.71 16.98 27.81
C ASN B 185 10.94 17.13 26.31
N PRO B 186 9.86 17.36 25.54
CA PRO B 186 9.98 17.27 24.09
C PRO B 186 10.88 18.33 23.47
N ALA B 187 11.04 19.48 24.11
CA ALA B 187 11.89 20.51 23.54
C ALA B 187 13.31 20.00 23.35
N ALA B 188 13.85 20.20 22.16
CA ALA B 188 15.23 19.78 21.87
C ALA B 188 16.21 20.44 22.83
N ASP B 189 17.25 19.70 23.20
CA ASP B 189 18.24 20.17 24.16
C ASP B 189 19.19 21.21 23.55
N CYS B 196 17.22 23.70 21.20
CA CYS B 196 16.30 24.66 21.81
C CYS B 196 14.90 24.47 21.27
N MET B 197 13.89 24.82 22.07
CA MET B 197 12.51 24.72 21.61
C MET B 197 12.29 25.60 20.38
N PHE B 198 12.82 26.83 20.44
CA PHE B 198 12.80 27.71 19.28
C PHE B 198 14.23 28.03 18.84
N PRO B 199 14.71 27.32 17.81
CA PRO B 199 16.11 27.45 17.37
C PRO B 199 16.49 28.88 16.96
N THR B 200 15.53 29.66 16.47
CA THR B 200 15.79 31.04 16.08
C THR B 200 15.70 31.99 17.27
N GLY B 201 15.15 31.51 18.38
CA GLY B 201 14.95 32.33 19.56
C GLY B 201 13.70 33.17 19.50
N ASN B 202 12.94 33.01 18.41
CA ASN B 202 11.71 33.77 18.20
C ASN B 202 10.49 32.86 18.10
N LEU B 203 9.35 33.36 18.59
CA LEU B 203 8.08 32.64 18.50
C LEU B 203 7.57 32.58 17.06
N VAL B 204 7.78 33.67 16.35
CA VAL B 204 7.41 33.80 14.94
C VAL B 204 8.55 34.49 14.20
N ASP B 205 8.88 33.97 13.03
CA ASP B 205 9.93 34.56 12.22
C ASP B 205 9.39 34.92 10.85
N VAL B 206 10.08 35.83 10.17
CA VAL B 206 9.79 36.05 8.77
C VAL B 206 10.76 35.19 7.98
N LEU B 207 10.24 34.13 7.37
CA LEU B 207 11.05 33.22 6.59
C LEU B 207 11.27 33.80 5.21
N GLU B 208 12.52 34.13 4.91
CA GLU B 208 12.88 34.52 3.56
C GLU B 208 13.07 33.28 2.72
N VAL B 209 12.26 33.14 1.68
CA VAL B 209 12.36 31.99 0.80
C VAL B 209 12.59 32.45 -0.64
N PRO B 210 13.85 32.46 -1.07
CA PRO B 210 14.28 32.85 -2.42
C PRO B 210 13.45 32.19 -3.51
N GLY B 211 12.81 33.00 -4.34
CA GLY B 211 12.05 32.48 -5.45
C GLY B 211 10.60 32.19 -5.16
N ILE B 212 10.22 32.26 -3.89
CA ILE B 212 8.82 32.00 -3.51
C ILE B 212 8.14 33.22 -2.88
N GLY B 213 8.68 33.70 -1.75
CA GLY B 213 8.12 34.85 -1.08
C GLY B 213 8.52 34.97 0.37
N ARG B 214 7.79 35.80 1.12
CA ARG B 214 8.04 36.01 2.54
C ARG B 214 6.90 35.39 3.34
N PHE B 215 7.24 34.58 4.32
CA PHE B 215 6.22 33.90 5.12
C PHE B 215 6.48 34.03 6.61
N ASN B 216 5.46 34.45 7.35
CA ASN B 216 5.49 34.32 8.79
C ASN B 216 5.48 32.84 9.12
N ALA B 217 6.34 32.43 10.04
CA ALA B 217 6.49 31.03 10.37
C ALA B 217 6.90 30.84 11.81
N THR B 218 6.32 29.84 12.47
CA THR B 218 6.84 29.39 13.75
C THR B 218 7.68 28.14 13.50
N MET B 219 8.94 28.19 13.91
CA MET B 219 9.82 27.03 13.78
C MET B 219 10.13 26.50 15.16
N ILE B 220 9.66 25.29 15.43
CA ILE B 220 9.77 24.72 16.77
C ILE B 220 10.43 23.34 16.71
N ASN B 221 11.23 23.03 17.72
N ASN B 221 11.24 23.07 17.73
CA ASN B 221 11.83 21.71 17.80
CA ASN B 221 11.87 21.78 17.94
C ASN B 221 11.32 20.98 19.03
C ASN B 221 11.24 21.07 19.12
N ALA B 222 10.18 20.31 18.87
CA ALA B 222 9.54 19.55 19.93
C ALA B 222 8.78 18.43 19.25
N GLY B 223 9.12 17.18 19.56
CA GLY B 223 8.57 16.04 18.86
C GLY B 223 9.37 15.76 17.60
N ILE B 224 9.43 16.76 16.74
CA ILE B 224 10.24 16.75 15.53
C ILE B 224 10.37 18.21 15.12
N PRO B 225 11.49 18.60 14.49
CA PRO B 225 11.58 19.99 14.05
C PRO B 225 10.50 20.28 13.01
N THR B 226 9.72 21.33 13.22
CA THR B 226 8.56 21.61 12.39
C THR B 226 8.46 23.09 12.07
N ILE B 227 8.14 23.39 10.82
CA ILE B 227 7.89 24.74 10.35
C ILE B 227 6.39 24.90 10.16
N PHE B 228 5.76 25.82 10.91
CA PHE B 228 4.34 26.09 10.78
C PHE B 228 4.11 27.43 10.07
N ILE B 229 3.26 27.42 9.05
N ILE B 229 3.29 27.42 9.03
CA ILE B 229 2.88 28.62 8.31
CA ILE B 229 2.87 28.64 8.35
C ILE B 229 1.35 28.72 8.23
C ILE B 229 1.35 28.74 8.37
N ASN B 230 0.82 29.93 8.11
CA ASN B 230 -0.63 30.11 8.00
C ASN B 230 -1.14 29.64 6.65
N ALA B 231 -2.22 28.85 6.67
CA ALA B 231 -2.83 28.32 5.45
C ALA B 231 -3.11 29.40 4.41
N GLU B 232 -3.67 30.52 4.87
CA GLU B 232 -4.09 31.58 3.96
C GLU B 232 -2.93 32.20 3.22
N ASP B 233 -1.75 32.22 3.84
CA ASP B 233 -0.58 32.81 3.19
C ASP B 233 -0.15 31.99 1.99
N LEU B 234 -0.69 30.77 1.86
CA LEU B 234 -0.43 29.93 0.72
C LEU B 234 -1.66 29.70 -0.14
N GLY B 235 -2.72 30.45 0.14
CA GLY B 235 -3.95 30.33 -0.61
C GLY B 235 -4.85 29.16 -0.20
N TYR B 236 -4.54 28.56 0.94
CA TYR B 236 -5.33 27.42 1.44
C TYR B 236 -6.24 27.85 2.59
N THR B 237 -7.20 27.00 2.93
CA THR B 237 -8.13 27.31 4.02
C THR B 237 -7.86 26.46 5.27
N GLY B 238 -7.08 25.40 5.12
CA GLY B 238 -6.87 24.48 6.22
C GLY B 238 -7.78 23.27 6.20
N THR B 239 -8.79 23.26 5.31
CA THR B 239 -9.70 22.12 5.22
C THR B 239 -9.31 21.15 4.10
N GLU B 240 -8.18 21.41 3.45
CA GLU B 240 -7.78 20.60 2.29
C GLU B 240 -7.61 19.13 2.62
N LEU B 241 -7.97 18.29 1.65
CA LEU B 241 -7.70 16.86 1.70
C LEU B 241 -6.57 16.55 0.73
N GLN B 242 -6.09 15.31 0.77
CA GLN B 242 -4.93 14.94 -0.04
C GLN B 242 -5.09 15.27 -1.51
N ASP B 243 -6.25 15.03 -2.08
CA ASP B 243 -6.45 15.24 -3.51
C ASP B 243 -6.38 16.71 -3.91
N ASP B 244 -6.46 17.61 -2.94
CA ASP B 244 -6.37 19.04 -3.22
C ASP B 244 -4.92 19.48 -3.45
N ILE B 245 -3.97 18.67 -2.99
CA ILE B 245 -2.56 19.07 -3.00
C ILE B 245 -1.63 18.05 -3.67
N ASN B 246 -1.91 16.76 -3.49
CA ASN B 246 -0.93 15.74 -3.87
C ASN B 246 -0.80 15.44 -5.36
N SER B 247 -1.65 16.05 -6.17
CA SER B 247 -1.52 15.98 -7.62
C SER B 247 -1.06 17.32 -8.21
N ASP B 248 -0.74 18.26 -7.32
CA ASP B 248 -0.38 19.63 -7.71
C ASP B 248 1.12 19.79 -7.60
N ASN B 249 1.83 19.54 -8.69
CA ASN B 249 3.29 19.55 -8.65
C ASN B 249 3.90 20.89 -8.26
N ALA B 250 3.30 21.97 -8.74
CA ALA B 250 3.76 23.31 -8.39
C ALA B 250 3.59 23.59 -6.91
N ALA B 251 2.45 23.18 -6.36
CA ALA B 251 2.17 23.41 -4.95
C ALA B 251 3.14 22.62 -4.09
N LEU B 252 3.36 21.35 -4.44
CA LEU B 252 4.29 20.53 -3.68
C LEU B 252 5.71 21.10 -3.73
N ALA B 253 6.10 21.63 -4.89
CA ALA B 253 7.43 22.24 -5.04
C ALA B 253 7.59 23.47 -4.15
N LYS B 254 6.53 24.28 -4.06
CA LYS B 254 6.54 25.44 -3.17
C LYS B 254 6.80 25.01 -1.73
N PHE B 255 6.05 24.02 -1.25
CA PHE B 255 6.23 23.51 0.10
C PHE B 255 7.67 23.06 0.36
N GLU B 256 8.25 22.35 -0.60
CA GLU B 256 9.60 21.80 -0.41
C GLU B 256 10.68 22.87 -0.31
N THR B 257 10.53 23.92 -1.11
CA THR B 257 11.47 25.04 -1.08
C THR B 257 11.44 25.73 0.29
N ILE B 258 10.24 25.92 0.83
CA ILE B 258 10.07 26.52 2.14
C ILE B 258 10.67 25.65 3.25
N ARG B 259 10.40 24.35 3.21
CA ARG B 259 10.93 23.41 4.19
C ARG B 259 12.46 23.46 4.21
N ALA B 260 13.06 23.49 3.02
CA ALA B 260 14.51 23.52 2.87
C ALA B 260 15.12 24.74 3.54
N HIS B 261 14.58 25.91 3.20
CA HIS B 261 15.05 27.16 3.78
C HIS B 261 14.77 27.25 5.29
N GLY B 262 13.63 26.71 5.71
CA GLY B 262 13.36 26.62 7.13
C GLY B 262 14.39 25.78 7.85
N ALA B 263 14.78 24.66 7.23
CA ALA B 263 15.77 23.76 7.81
C ALA B 263 17.07 24.51 8.05
N LEU B 264 17.44 25.31 7.08
CA LEU B 264 18.66 26.11 7.14
C LEU B 264 18.54 27.15 8.24
N ARG B 265 17.42 27.86 8.24
CA ARG B 265 17.16 28.92 9.21
C ARG B 265 17.17 28.37 10.63
N MET B 266 16.72 27.13 10.80
CA MET B 266 16.72 26.45 12.08
C MET B 266 18.11 25.93 12.45
N GLY B 267 19.02 25.92 11.49
CA GLY B 267 20.37 25.43 11.72
C GLY B 267 20.43 23.92 11.81
N LEU B 268 19.48 23.27 11.16
CA LEU B 268 19.46 21.81 11.11
C LEU B 268 20.47 21.30 10.08
N ILE B 269 20.63 22.08 9.02
CA ILE B 269 21.63 21.79 8.00
C ILE B 269 22.57 22.98 7.90
N LYS B 270 23.79 22.74 7.41
CA LYS B 270 24.77 23.82 7.26
C LYS B 270 24.59 24.53 5.93
N HIS B 271 24.00 23.85 4.96
CA HIS B 271 23.84 24.40 3.62
C HIS B 271 22.56 23.91 2.97
N ILE B 272 22.01 24.73 2.09
CA ILE B 272 20.69 24.52 1.50
C ILE B 272 20.50 23.19 0.78
N ASP B 273 21.55 22.69 0.14
CA ASP B 273 21.43 21.49 -0.68
C ASP B 273 21.29 20.21 0.14
N GLU B 274 21.55 20.29 1.44
CA GLU B 274 21.40 19.13 2.31
C GLU B 274 19.94 18.69 2.40
N ALA B 275 19.03 19.59 2.06
CA ALA B 275 17.60 19.32 2.14
C ALA B 275 17.15 18.31 1.09
N ALA B 276 17.91 18.18 0.01
CA ALA B 276 17.57 17.25 -1.05
C ALA B 276 17.54 15.82 -0.55
N SER B 277 18.57 15.42 0.18
CA SER B 277 18.63 14.08 0.77
C SER B 277 17.86 14.02 2.08
N ARG B 278 17.97 15.08 2.89
CA ARG B 278 17.27 15.14 4.17
C ARG B 278 15.84 15.62 4.00
N GLN B 279 14.97 14.67 3.64
N GLN B 279 14.95 14.70 3.64
CA GLN B 279 13.57 14.94 3.32
CA GLN B 279 13.56 15.04 3.35
C GLN B 279 12.69 14.81 4.55
C GLN B 279 12.66 14.80 4.56
N HIS B 280 13.16 14.00 5.49
CA HIS B 280 12.37 13.58 6.65
C HIS B 280 12.25 14.67 7.73
N THR B 281 13.34 15.39 7.99
CA THR B 281 13.30 16.48 8.96
C THR B 281 13.94 17.72 8.34
N PRO B 282 13.41 18.92 8.63
CA PRO B 282 12.22 19.17 9.44
C PRO B 282 10.95 18.90 8.65
N LYS B 283 9.82 18.89 9.35
CA LYS B 283 8.51 18.80 8.71
C LYS B 283 7.99 20.19 8.42
N ILE B 284 7.09 20.30 7.45
CA ILE B 284 6.38 21.57 7.20
C ILE B 284 4.88 21.34 7.30
N ALA B 285 4.17 22.31 7.88
CA ALA B 285 2.75 22.20 8.15
C ALA B 285 2.08 23.55 8.02
N PHE B 286 0.80 23.56 7.70
CA PHE B 286 0.05 24.80 7.70
C PHE B 286 -1.15 24.75 8.63
N VAL B 287 -1.47 25.90 9.21
CA VAL B 287 -2.47 25.98 10.27
C VAL B 287 -3.56 26.97 9.90
N ALA B 288 -4.73 26.80 10.51
CA ALA B 288 -5.85 27.69 10.29
C ALA B 288 -6.79 27.62 11.47
N PRO B 289 -7.61 28.67 11.65
CA PRO B 289 -8.63 28.63 12.70
C PRO B 289 -9.69 27.56 12.36
N PRO B 290 -10.51 27.16 13.34
CA PRO B 290 -11.51 26.14 13.06
C PRO B 290 -12.45 26.48 11.90
N LYS B 291 -12.75 25.47 11.10
CA LYS B 291 -13.71 25.58 10.01
C LYS B 291 -14.24 24.17 9.77
N SER B 292 -15.53 24.06 9.45
N SER B 292 -15.52 24.07 9.44
CA SER B 292 -16.14 22.76 9.22
CA SER B 292 -16.16 22.77 9.20
C SER B 292 -15.70 22.16 7.89
C SER B 292 -15.72 22.16 7.88
N TYR B 293 -15.60 20.84 7.85
CA TYR B 293 -15.24 20.15 6.61
C TYR B 293 -15.57 18.67 6.71
N ALA B 294 -15.75 18.04 5.56
CA ALA B 294 -15.87 16.59 5.51
C ALA B 294 -14.47 16.00 5.50
N SER B 295 -14.22 15.07 6.40
CA SER B 295 -12.94 14.39 6.44
C SER B 295 -12.82 13.41 5.28
N SER B 296 -11.65 12.78 5.18
CA SER B 296 -11.41 11.82 4.11
C SER B 296 -12.33 10.61 4.17
N SER B 297 -12.91 10.34 5.34
CA SER B 297 -13.85 9.24 5.48
C SER B 297 -15.28 9.66 5.18
N GLY B 298 -15.50 10.96 4.95
CA GLY B 298 -16.83 11.48 4.71
C GLY B 298 -17.52 12.00 5.95
N LYS B 299 -16.88 11.83 7.11
CA LYS B 299 -17.45 12.30 8.37
C LYS B 299 -17.24 13.80 8.53
N THR B 300 -18.27 14.50 9.02
CA THR B 300 -18.15 15.94 9.21
C THR B 300 -17.34 16.27 10.45
N VAL B 301 -16.30 17.09 10.28
CA VAL B 301 -15.62 17.70 11.41
C VAL B 301 -16.20 19.11 11.56
N ALA B 302 -16.94 19.35 12.63
CA ALA B 302 -17.56 20.66 12.83
C ALA B 302 -16.53 21.62 13.40
N ALA B 303 -16.65 22.90 13.06
CA ALA B 303 -15.73 23.91 13.58
C ALA B 303 -15.70 23.89 15.10
N GLU B 304 -16.85 23.69 15.73
CA GLU B 304 -16.93 23.67 17.18
C GLU B 304 -16.21 22.48 17.81
N ASP B 305 -15.94 21.46 16.99
CA ASP B 305 -15.27 20.25 17.47
C ASP B 305 -13.78 20.43 17.71
N VAL B 306 -13.19 21.47 17.11
CA VAL B 306 -11.73 21.64 17.15
C VAL B 306 -11.31 23.03 17.59
N ASP B 307 -10.06 23.11 18.05
CA ASP B 307 -9.44 24.39 18.38
C ASP B 307 -8.76 25.03 17.19
N LEU B 308 -8.32 24.22 16.23
CA LEU B 308 -7.64 24.73 15.03
C LEU B 308 -7.58 23.60 14.01
N LEU B 309 -7.18 23.95 12.80
CA LEU B 309 -6.89 22.98 11.75
C LEU B 309 -5.41 22.96 11.50
N VAL B 310 -4.85 21.75 11.29
CA VAL B 310 -3.46 21.60 10.89
C VAL B 310 -3.36 20.54 9.82
N ARG B 311 -2.67 20.86 8.73
CA ARG B 311 -2.32 19.92 7.68
C ARG B 311 -0.80 19.88 7.62
N ALA B 312 -0.22 18.69 7.50
CA ALA B 312 1.23 18.60 7.45
C ALA B 312 1.67 17.78 6.26
N LEU B 313 2.86 18.09 5.77
CA LEU B 313 3.47 17.27 4.74
C LEU B 313 4.48 16.32 5.34
N SER B 314 4.63 15.16 4.70
CA SER B 314 5.69 14.24 5.07
C SER B 314 6.26 13.64 3.80
N MET B 315 7.57 13.75 3.64
CA MET B 315 8.27 13.19 2.49
C MET B 315 7.67 13.69 1.18
N GLY B 316 7.25 14.95 1.17
CA GLY B 316 6.83 15.61 -0.05
C GLY B 316 5.37 15.49 -0.43
N LYS B 317 4.55 14.94 0.46
CA LYS B 317 3.12 14.81 0.19
C LYS B 317 2.32 15.24 1.41
N LEU B 318 1.12 15.78 1.18
CA LEU B 318 0.22 16.03 2.29
C LEU B 318 -0.09 14.71 2.98
N HIS B 319 0.12 14.68 4.30
CA HIS B 319 -0.10 13.48 5.10
C HIS B 319 -1.58 13.19 5.27
N HIS B 320 -1.92 11.91 5.26
CA HIS B 320 -3.30 11.47 5.28
C HIS B 320 -4.02 11.76 6.59
N ALA B 321 -3.27 11.94 7.67
CA ALA B 321 -3.85 12.20 8.98
C ALA B 321 -2.93 13.19 9.67
N MET B 322 -2.26 12.79 10.75
CA MET B 322 -1.17 13.62 11.28
C MET B 322 -0.06 12.76 11.83
N MET B 323 1.19 13.12 11.54
CA MET B 323 2.32 12.42 12.15
C MET B 323 2.27 12.63 13.66
N GLY B 324 2.60 11.60 14.43
CA GLY B 324 2.59 11.72 15.88
C GLY B 324 3.59 12.73 16.41
N THR B 325 4.76 12.76 15.79
CA THR B 325 5.77 13.75 16.16
C THR B 325 5.26 15.18 15.91
N ALA B 326 4.62 15.40 14.76
CA ALA B 326 4.07 16.72 14.45
C ALA B 326 2.94 17.07 15.40
N ALA B 327 2.18 16.07 15.85
CA ALA B 327 1.15 16.32 16.86
C ALA B 327 1.76 16.86 18.14
N VAL B 328 2.92 16.34 18.53
CA VAL B 328 3.65 16.87 19.67
C VAL B 328 4.06 18.32 19.42
N ALA B 329 4.57 18.60 18.23
CA ALA B 329 4.95 19.96 17.86
C ALA B 329 3.75 20.90 17.94
N ILE B 330 2.60 20.44 17.47
CA ILE B 330 1.37 21.23 17.50
C ILE B 330 0.95 21.53 18.94
N GLY B 331 0.90 20.50 19.77
CA GLY B 331 0.48 20.67 21.16
C GLY B 331 1.42 21.61 21.90
N THR B 332 2.71 21.43 21.68
CA THR B 332 3.71 22.23 22.37
C THR B 332 3.61 23.69 21.92
N ALA B 333 3.53 23.91 20.61
CA ALA B 333 3.42 25.28 20.10
C ALA B 333 2.13 25.95 20.54
N ALA B 334 1.04 25.18 20.64
CA ALA B 334 -0.24 25.75 21.02
C ALA B 334 -0.19 26.28 22.45
N ALA B 335 0.65 25.66 23.27
CA ALA B 335 0.76 25.98 24.68
C ALA B 335 1.56 27.26 24.93
N ILE B 336 2.27 27.73 23.91
CA ILE B 336 3.12 28.89 24.07
C ILE B 336 2.46 30.08 23.40
N PRO B 337 2.01 31.05 24.21
CA PRO B 337 1.27 32.19 23.66
C PRO B 337 2.07 32.92 22.60
N GLY B 338 1.46 33.15 21.44
CA GLY B 338 2.10 33.94 20.41
C GLY B 338 2.67 33.16 19.23
N THR B 339 2.81 31.84 19.34
CA THR B 339 3.21 31.08 18.15
C THR B 339 2.07 31.11 17.15
N LEU B 340 2.35 30.81 15.88
CA LEU B 340 1.29 30.77 14.89
C LEU B 340 0.24 29.72 15.22
N VAL B 341 0.67 28.64 15.86
CA VAL B 341 -0.25 27.59 16.25
C VAL B 341 -1.18 28.09 17.37
N ASN B 342 -0.59 28.71 18.37
CA ASN B 342 -1.37 29.30 19.45
C ASN B 342 -2.37 30.32 18.93
N LEU B 343 -1.96 31.15 17.97
CA LEU B 343 -2.83 32.19 17.46
C LEU B 343 -3.95 31.61 16.61
N ALA B 344 -3.66 30.56 15.85
CA ALA B 344 -4.70 29.88 15.08
C ALA B 344 -5.76 29.29 16.02
N ALA B 345 -5.35 28.94 17.23
CA ALA B 345 -6.24 28.32 18.20
C ALA B 345 -6.91 29.36 19.10
N GLY B 346 -6.77 30.63 18.74
CA GLY B 346 -7.49 31.68 19.44
C GLY B 346 -6.71 32.37 20.54
N GLY B 347 -5.45 31.97 20.71
CA GLY B 347 -4.57 32.59 21.69
C GLY B 347 -4.86 32.21 23.12
N GLY B 348 -4.02 32.70 24.03
CA GLY B 348 -4.18 32.43 25.44
C GLY B 348 -3.39 31.23 25.90
N GLU B 349 -3.45 30.94 27.20
CA GLU B 349 -2.81 29.76 27.72
C GLU B 349 -3.64 28.55 27.37
N LYS B 350 -2.98 27.51 26.86
CA LYS B 350 -3.66 26.30 26.46
C LYS B 350 -2.93 25.10 27.03
N GLU B 351 -3.66 24.23 27.71
CA GLU B 351 -3.07 23.03 28.28
C GLU B 351 -3.24 21.84 27.35
N ALA B 352 -4.10 21.99 26.35
CA ALA B 352 -4.34 20.97 25.34
C ALA B 352 -4.99 21.62 24.14
N VAL B 353 -4.86 20.98 22.98
CA VAL B 353 -5.65 21.37 21.81
C VAL B 353 -6.14 20.13 21.09
N ARG B 354 -7.34 20.22 20.53
CA ARG B 354 -7.79 19.24 19.58
C ARG B 354 -7.72 19.90 18.20
N PHE B 355 -7.00 19.30 17.27
CA PHE B 355 -6.92 19.87 15.93
C PHE B 355 -7.54 18.97 14.89
N GLY B 356 -8.02 19.58 13.80
CA GLY B 356 -8.56 18.85 12.68
C GLY B 356 -7.53 18.64 11.58
N HIS B 357 -7.36 17.38 11.20
CA HIS B 357 -6.47 16.98 10.12
C HIS B 357 -7.33 16.29 9.03
N PRO B 358 -6.74 15.83 7.91
CA PRO B 358 -7.59 15.32 6.85
C PRO B 358 -8.48 14.15 7.24
N SER B 359 -8.05 13.33 8.20
CA SER B 359 -8.85 12.16 8.57
C SER B 359 -9.78 12.35 9.75
N GLY B 360 -9.83 13.55 10.32
CA GLY B 360 -10.64 13.79 11.50
C GLY B 360 -9.89 14.63 12.50
N THR B 361 -9.94 14.27 13.78
CA THR B 361 -9.34 15.10 14.81
C THR B 361 -8.35 14.31 15.67
N LEU B 362 -7.52 15.05 16.39
CA LEU B 362 -6.55 14.48 17.31
C LEU B 362 -6.35 15.47 18.45
N ARG B 363 -6.41 14.98 19.69
CA ARG B 363 -6.20 15.81 20.87
C ARG B 363 -4.82 15.54 21.47
N VAL B 364 -4.08 16.61 21.72
CA VAL B 364 -2.77 16.51 22.34
C VAL B 364 -2.73 17.45 23.53
N GLY B 365 -2.22 16.95 24.65
CA GLY B 365 -2.05 17.76 25.84
C GLY B 365 -0.59 18.16 26.00
N ALA B 366 -0.38 19.42 26.35
CA ALA B 366 0.95 19.92 26.62
C ALA B 366 0.81 21.15 27.49
N GLN B 367 1.18 21.02 28.75
CA GLN B 367 1.10 22.15 29.66
C GLN B 367 2.45 22.85 29.68
N ALA B 368 2.43 24.15 29.40
CA ALA B 368 3.64 24.94 29.46
C ALA B 368 3.64 25.80 30.71
N VAL B 369 4.83 26.02 31.26
CA VAL B 369 5.00 26.82 32.46
C VAL B 369 6.01 27.92 32.19
N GLN B 370 5.65 29.15 32.53
CA GLN B 370 6.57 30.27 32.33
C GLN B 370 7.21 30.69 33.65
N GLU B 371 8.53 30.81 33.64
CA GLU B 371 9.26 31.38 34.75
C GLU B 371 10.52 32.07 34.26
N ASN B 372 10.72 33.30 34.72
CA ASN B 372 11.82 34.13 34.26
C ASN B 372 11.82 34.29 32.75
N GLY B 373 10.64 34.51 32.18
CA GLY B 373 10.48 34.79 30.77
C GLY B 373 10.51 33.58 29.86
N GLU B 374 11.00 32.45 30.37
CA GLU B 374 11.16 31.25 29.55
C GLU B 374 10.00 30.27 29.70
N TRP B 375 9.65 29.61 28.61
CA TRP B 375 8.59 28.60 28.61
C TRP B 375 9.17 27.20 28.60
N THR B 376 8.65 26.33 29.47
CA THR B 376 9.07 24.94 29.48
C THR B 376 7.88 23.99 29.46
N VAL B 377 8.07 22.82 28.87
CA VAL B 377 7.03 21.80 28.78
C VAL B 377 7.54 20.45 29.30
N ILE B 378 6.96 19.99 30.41
CA ILE B 378 7.39 18.73 31.03
C ILE B 378 7.10 17.53 30.14
N LYS B 379 5.95 17.54 29.49
CA LYS B 379 5.57 16.44 28.60
C LYS B 379 4.42 16.81 27.70
N ALA B 380 4.34 16.13 26.56
CA ALA B 380 3.19 16.19 25.68
C ALA B 380 2.57 14.80 25.67
N ILE B 381 1.24 14.75 25.71
CA ILE B 381 0.54 13.47 25.81
C ILE B 381 -0.52 13.32 24.74
N MET B 382 -0.77 12.07 24.36
CA MET B 382 -1.85 11.75 23.45
C MET B 382 -2.16 10.27 23.57
N SER B 383 -3.31 9.87 23.06
CA SER B 383 -3.66 8.45 23.02
C SER B 383 -3.60 7.93 21.60
N ARG B 384 -3.12 6.70 21.47
CA ARG B 384 -3.10 6.01 20.19
C ARG B 384 -3.61 4.58 20.45
N SER B 385 -3.29 3.67 19.53
CA SER B 385 -3.62 2.25 19.67
C SER B 385 -2.67 1.51 18.74
N ALA B 386 -2.60 0.19 18.89
CA ALA B 386 -1.68 -0.60 18.06
C ALA B 386 -2.16 -2.03 17.98
N ARG B 387 -1.76 -2.72 16.92
CA ARG B 387 -2.03 -4.14 16.83
C ARG B 387 -1.08 -4.83 15.85
N VAL B 388 -0.80 -6.09 16.13
CA VAL B 388 -0.06 -6.92 15.21
C VAL B 388 -0.94 -7.29 14.03
N LEU B 389 -0.40 -7.11 12.82
CA LEU B 389 -1.07 -7.52 11.58
C LEU B 389 -0.54 -8.87 11.10
N MET B 390 0.77 -9.06 11.17
CA MET B 390 1.37 -10.33 10.77
C MET B 390 2.65 -10.53 11.56
N GLU B 391 2.94 -11.76 11.94
CA GLU B 391 4.14 -12.06 12.73
C GLU B 391 4.77 -13.31 12.14
N GLY B 392 6.10 -13.33 12.04
CA GLY B 392 6.79 -14.48 11.50
C GLY B 392 8.16 -14.10 10.99
N PHE B 393 8.37 -14.25 9.70
CA PHE B 393 9.67 -13.98 9.08
C PHE B 393 9.48 -13.25 7.77
N VAL B 394 10.16 -12.13 7.58
CA VAL B 394 10.24 -11.52 6.26
C VAL B 394 11.40 -12.18 5.51
N ARG B 395 11.34 -12.12 4.19
CA ARG B 395 12.40 -12.67 3.36
C ARG B 395 12.97 -11.63 2.44
N VAL B 396 14.27 -11.70 2.20
CA VAL B 396 14.92 -10.92 1.14
C VAL B 396 15.99 -11.79 0.51
N PRO B 397 16.40 -11.49 -0.73
CA PRO B 397 17.54 -12.20 -1.31
C PRO B 397 18.77 -12.06 -0.43
N LYS B 398 19.63 -13.08 -0.46
CA LYS B 398 20.87 -13.04 0.31
C LYS B 398 21.66 -11.76 0.02
N PRO B 399 21.99 -10.99 1.09
CA PRO B 399 22.75 -9.73 0.94
C PRO B 399 24.13 -9.94 0.33
C1 MLI C . -5.20 0.21 -9.73
C2 MLI C . -5.66 0.73 -8.39
C3 MLI C . -4.01 -0.70 -9.55
O6 MLI C . -6.62 0.17 -7.80
O7 MLI C . -5.09 1.71 -7.88
O8 MLI C . -4.09 -1.68 -8.76
O9 MLI C . -2.96 -0.48 -10.19
C1 MLI D . -4.96 -8.86 -11.44
C2 MLI D . -4.47 -9.98 -12.34
C3 MLI D . -3.79 -8.06 -10.90
O6 MLI D . -5.29 -10.68 -12.97
O7 MLI D . -3.23 -10.20 -12.43
O8 MLI D . -3.50 -8.12 -9.67
O9 MLI D . -3.10 -7.36 -11.68
C1 MLI E . 1.79 10.82 2.74
C2 MLI E . 1.18 9.87 3.74
C3 MLI E . 2.30 10.01 1.56
O6 MLI E . 1.83 8.88 4.20
O7 MLI E . 0.01 10.05 4.15
O8 MLI E . 1.51 9.64 0.66
O9 MLI E . 3.52 9.69 1.49
C1 MLI F . 4.99 9.55 11.36
C2 MLI F . 3.81 8.81 10.79
C3 MLI F . 4.79 9.75 12.85
O6 MLI F . 3.94 7.62 10.40
O7 MLI F . 2.70 9.37 10.72
O8 MLI F . 3.80 9.26 13.42
O9 MLI F . 5.60 10.45 13.50
#